data_2WYC
#
_entry.id   2WYC
#
_cell.length_a   120.800
_cell.length_b   166.500
_cell.length_c   94.300
_cell.angle_alpha   90.00
_cell.angle_beta   90.00
_cell.angle_gamma   90.00
#
_symmetry.space_group_name_H-M   'C 2 2 21'
#
loop_
_entity.id
_entity.type
_entity.pdbx_description
1 polymer 'ACYL-HOMOSERINE LACTONE ACYLASE PVDQ SUBUNIT ALPHA'
2 polymer 'ACYL-HOMOSERINE LACTONE ACYLASE PVDQ SUBUNIT BETA'
3 non-polymer GLYCEROL
4 non-polymer 'DIMETHYL SULFOXIDE'
5 non-polymer '3-OXODODECANOIC ACID'
6 water water
#
loop_
_entity_poly.entity_id
_entity_poly.type
_entity_poly.pdbx_seq_one_letter_code
_entity_poly.pdbx_strand_id
1 'polypeptide(L)'
;DMPRPTGLAADIRWTAYGVPHIRAKDERGLGYGIGYAYARDNACLLAEEIVTARGERARYFGSEGKSSAELDNLPSDIFY
AWLNQPEALQAFWQAQTPAVRQLLEGYAAGFNRFLREADGKTTSCLGQPWLRAIATDDLLRLTRRLLVEGGVGQFADALV
AAAPPGAEKV
;
A
2 'polypeptide(L)'
;SNAIAVGSERSADGKGMLLANPHFPWNGAMRFYQMHLTIPGRLDVMGASLPGLPVVNIGFSRHLAWTHTVDTSSHFTLYR
LALDPKDPRRYLVDGRSLPLEEKSVAIEVRGADGKLSRVEHKVYQSIYGPLVVWPGKLDWNRSEAYALRDANLENTRVLQ
QWYSINQASDVADLRRRVEALQGIPWVNTLAADEQGNALYMNQSVVPYLKPELIPACAIPQLVAEGLPALQGQDSRCAWS
RDPAAAQAGITPAAQLPVLLRRDFVQNSNDSAWLTNPASPLQGFSPLVSQEKPIGPRARYALSRLQGKQPLEAKTLEEMV
TANHVFSADQVLPDLLRLCRDNQGEKSLARACAALAQWDRGANLDSGSGFVYFQRFMQRFAELDGAWKEPFDAQRPLDTP
QGIALDRPQVATQVRQALADAAAEVEKSGIPDGARWGDLQVSTRGQERIAIPGGDGHFGVYNAIQSVRKGDHLEVVGGTS
YIQLVTFPEEGPKARGLLAFSQSSDPRSPHYRDQTELFSRQQWQTLPFSDRQIDADPQLQRLSIRE
;
B
#
# COMPACT_ATOMS: atom_id res chain seq x y z
N THR A 6 22.29 -18.73 19.39
CA THR A 6 22.39 -20.21 19.17
C THR A 6 21.03 -20.91 19.32
N GLY A 7 20.98 -22.20 19.02
CA GLY A 7 19.71 -22.91 18.81
C GLY A 7 19.05 -22.48 17.52
N LEU A 8 19.87 -21.99 16.58
CA LEU A 8 19.41 -21.43 15.31
C LEU A 8 19.78 -22.36 14.17
N ALA A 9 18.78 -22.81 13.42
CA ALA A 9 19.04 -23.72 12.31
C ALA A 9 17.87 -23.65 11.36
N ALA A 10 18.17 -23.63 10.06
CA ALA A 10 17.14 -23.59 9.04
C ALA A 10 17.57 -24.39 7.83
N ASP A 11 16.58 -24.95 7.13
CA ASP A 11 16.80 -25.54 5.83
C ASP A 11 16.12 -24.66 4.78
N ILE A 12 16.88 -24.25 3.77
CA ILE A 12 16.34 -23.39 2.71
C ILE A 12 16.44 -24.06 1.36
N ARG A 13 15.31 -24.11 0.67
CA ARG A 13 15.29 -24.51 -0.74
C ARG A 13 14.87 -23.29 -1.56
N TRP A 14 15.57 -23.04 -2.67
CA TRP A 14 15.15 -21.98 -3.59
C TRP A 14 14.62 -22.63 -4.87
N THR A 15 13.46 -22.19 -5.31
CA THR A 15 12.94 -22.63 -6.60
C THR A 15 13.26 -21.54 -7.65
N ALA A 16 12.74 -21.68 -8.87
CA ALA A 16 12.97 -20.71 -9.93
C ALA A 16 12.70 -19.26 -9.47
N TYR A 17 13.50 -18.33 -9.98
CA TYR A 17 13.35 -16.89 -9.69
C TYR A 17 13.85 -16.51 -8.28
N GLY A 18 14.47 -17.47 -7.60
CA GLY A 18 15.07 -17.22 -6.30
C GLY A 18 14.07 -17.15 -5.16
N VAL A 19 12.98 -17.88 -5.29
CA VAL A 19 11.97 -17.92 -4.21
C VAL A 19 12.43 -18.89 -3.11
N PRO A 20 12.62 -18.38 -1.87
CA PRO A 20 13.04 -19.27 -0.81
C PRO A 20 11.87 -19.99 -0.10
N HIS A 21 12.13 -21.24 0.25
CA HIS A 21 11.22 -22.08 1.01
C HIS A 21 11.98 -22.46 2.26
N ILE A 22 11.60 -21.85 3.39
CA ILE A 22 12.32 -22.03 4.64
C ILE A 22 11.60 -23.06 5.52
N ARG A 23 12.35 -24.07 5.97
N ARG A 23 12.34 -24.07 5.97
CA ARG A 23 11.83 -25.08 6.88
CA ARG A 23 11.83 -25.09 6.90
C ARG A 23 12.63 -25.00 8.18
C ARG A 23 12.64 -25.11 8.19
N ALA A 24 11.95 -25.06 9.32
CA ALA A 24 12.62 -25.05 10.63
C ALA A 24 11.73 -25.67 11.68
N LYS A 25 12.31 -26.04 12.82
CA LYS A 25 11.52 -26.69 13.88
C LYS A 25 10.86 -25.72 14.85
N ASP A 26 11.21 -24.44 14.77
CA ASP A 26 10.70 -23.43 15.68
C ASP A 26 10.81 -22.05 15.05
N GLU A 27 10.25 -21.05 15.71
CA GLU A 27 10.23 -19.70 15.19
C GLU A 27 11.62 -19.09 15.04
N ARG A 28 12.51 -19.37 16.01
CA ARG A 28 13.89 -18.85 15.96
C ARG A 28 14.58 -19.31 14.67
N GLY A 29 14.53 -20.63 14.44
CA GLY A 29 15.07 -21.23 13.20
C GLY A 29 14.42 -20.69 11.95
N LEU A 30 13.11 -20.51 12.00
CA LEU A 30 12.36 -20.01 10.85
C LEU A 30 12.82 -18.60 10.49
N GLY A 31 12.88 -17.74 11.49
CA GLY A 31 13.40 -16.37 11.30
C GLY A 31 14.82 -16.39 10.78
N TYR A 32 15.63 -17.31 11.31
CA TYR A 32 17.03 -17.46 10.87
C TYR A 32 17.08 -17.62 9.34
N GLY A 33 16.27 -18.54 8.81
CA GLY A 33 16.22 -18.78 7.37
C GLY A 33 15.72 -17.59 6.58
N ILE A 34 14.66 -16.94 7.09
CA ILE A 34 14.10 -15.76 6.43
C ILE A 34 15.13 -14.64 6.30
N GLY A 35 15.76 -14.30 7.42
CA GLY A 35 16.72 -13.17 7.43
C GLY A 35 17.89 -13.45 6.51
N TYR A 36 18.38 -14.69 6.55
CA TYR A 36 19.47 -15.09 5.65
C TYR A 36 19.06 -14.99 4.17
N ALA A 37 17.94 -15.63 3.80
CA ALA A 37 17.49 -15.58 2.41
C ALA A 37 17.21 -14.13 1.95
N TYR A 38 16.56 -13.35 2.80
CA TYR A 38 16.24 -11.96 2.43
C TYR A 38 17.53 -11.14 2.21
N ALA A 39 18.52 -11.33 3.08
CA ALA A 39 19.79 -10.63 2.97
C ALA A 39 20.51 -10.96 1.65
N ARG A 40 20.44 -12.24 1.25
CA ARG A 40 21.06 -12.65 -0.01
C ARG A 40 20.58 -11.82 -1.20
N ASP A 41 19.29 -11.49 -1.19
CA ASP A 41 18.66 -10.72 -2.27
C ASP A 41 18.64 -9.21 -2.03
N ASN A 42 18.57 -8.81 -0.77
CA ASN A 42 18.14 -7.44 -0.46
C ASN A 42 18.83 -6.81 0.74
N ALA A 43 20.07 -7.24 1.03
CA ALA A 43 20.82 -6.69 2.17
C ALA A 43 20.95 -5.17 2.13
N CYS A 44 21.33 -4.62 0.97
CA CYS A 44 21.47 -3.15 0.84
C CYS A 44 20.15 -2.43 1.07
N LEU A 45 19.07 -2.95 0.50
N LEU A 45 19.08 -2.96 0.50
CA LEU A 45 17.75 -2.35 0.69
CA LEU A 45 17.75 -2.38 0.68
C LEU A 45 17.38 -2.31 2.17
C LEU A 45 17.41 -2.30 2.17
N LEU A 46 17.55 -3.43 2.88
CA LEU A 46 17.20 -3.44 4.32
C LEU A 46 18.09 -2.50 5.12
N ALA A 47 19.38 -2.48 4.79
CA ALA A 47 20.33 -1.61 5.49
C ALA A 47 19.91 -0.15 5.34
N GLU A 48 19.56 0.24 4.12
CA GLU A 48 19.12 1.61 3.84
C GLU A 48 17.86 1.97 4.64
N GLU A 49 16.87 1.08 4.61
CA GLU A 49 15.57 1.36 5.28
C GLU A 49 15.73 1.40 6.80
N ILE A 50 16.68 0.61 7.30
CA ILE A 50 16.97 0.63 8.72
C ILE A 50 17.64 1.96 9.10
N VAL A 51 18.56 2.45 8.28
CA VAL A 51 19.15 3.77 8.52
C VAL A 51 18.02 4.81 8.60
N THR A 52 17.08 4.70 7.66
CA THR A 52 15.91 5.60 7.65
C THR A 52 15.13 5.52 8.96
N ALA A 53 14.80 4.29 9.38
CA ALA A 53 13.96 4.07 10.56
C ALA A 53 14.67 4.37 11.87
N ARG A 54 16.00 4.37 11.81
CA ARG A 54 16.83 4.79 12.94
C ARG A 54 17.00 6.31 13.03
N GLY A 55 16.53 7.04 12.02
CA GLY A 55 16.74 8.50 11.97
C GLY A 55 18.21 8.86 11.78
N GLU A 56 18.92 8.11 10.93
CA GLU A 56 20.35 8.35 10.71
C GLU A 56 20.71 8.70 9.26
N ARG A 57 19.72 9.10 8.46
CA ARG A 57 19.99 9.43 7.05
C ARG A 57 20.96 10.59 6.94
N ALA A 58 20.72 11.65 7.71
CA ALA A 58 21.60 12.84 7.60
C ALA A 58 23.03 12.51 8.04
N ARG A 59 23.15 11.57 8.97
CA ARG A 59 24.45 11.15 9.51
C ARG A 59 25.33 10.50 8.43
N TYR A 60 24.72 9.62 7.63
CA TYR A 60 25.46 8.90 6.59
C TYR A 60 25.51 9.66 5.27
N PHE A 61 24.45 10.41 4.97
CA PHE A 61 24.23 10.94 3.63
C PHE A 61 24.13 12.46 3.54
N GLY A 62 24.07 13.16 4.67
CA GLY A 62 24.01 14.62 4.62
C GLY A 62 22.58 15.09 4.43
N SER A 63 22.39 16.40 4.45
CA SER A 63 21.03 16.94 4.47
C SER A 63 20.41 17.12 3.07
N GLU A 64 21.21 17.01 2.01
CA GLU A 64 20.69 17.22 0.66
C GLU A 64 19.91 16.01 0.07
N GLY A 65 20.08 14.84 0.65
CA GLY A 65 19.45 13.63 0.13
C GLY A 65 18.04 13.40 0.63
N LYS A 66 17.40 12.35 0.09
CA LYS A 66 16.05 11.96 0.52
C LYS A 66 16.03 10.48 0.83
N SER A 67 15.01 10.05 1.58
CA SER A 67 14.73 8.65 1.81
C SER A 67 14.03 8.06 0.59
N SER A 68 13.80 6.74 0.60
CA SER A 68 13.06 6.08 -0.47
C SER A 68 11.57 6.45 -0.44
N ALA A 69 11.11 7.01 0.68
CA ALA A 69 9.76 7.60 0.76
C ALA A 69 9.74 9.03 0.22
N GLU A 70 10.89 9.50 -0.27
CA GLU A 70 11.05 10.84 -0.84
C GLU A 70 10.89 11.98 0.17
N LEU A 71 11.12 11.69 1.45
CA LEU A 71 11.26 12.75 2.46
C LEU A 71 12.71 13.22 2.53
N ASP A 72 12.91 14.52 2.76
CA ASP A 72 14.26 15.07 3.00
C ASP A 72 14.88 14.34 4.19
N ASN A 73 16.19 14.11 4.12
CA ASN A 73 16.90 13.34 5.15
C ASN A 73 16.73 13.87 6.58
N LEU A 74 16.88 15.17 6.78
CA LEU A 74 16.80 15.71 8.16
C LEU A 74 15.36 15.62 8.73
N PRO A 75 14.36 16.14 7.99
CA PRO A 75 12.98 15.97 8.52
C PRO A 75 12.61 14.49 8.73
N SER A 76 13.06 13.62 7.82
CA SER A 76 12.81 12.19 7.99
C SER A 76 13.44 11.69 9.29
N ASP A 77 14.70 12.06 9.52
CA ASP A 77 15.40 11.64 10.74
C ASP A 77 14.73 12.14 12.00
N ILE A 78 14.29 13.41 12.01
CA ILE A 78 13.58 13.95 13.16
C ILE A 78 12.33 13.13 13.43
N PHE A 79 11.57 12.85 12.38
CA PHE A 79 10.37 12.07 12.51
C PHE A 79 10.63 10.67 13.10
N TYR A 80 11.61 9.96 12.55
CA TYR A 80 11.90 8.60 13.04
C TYR A 80 12.56 8.57 14.40
N ALA A 81 13.37 9.58 14.73
CA ALA A 81 13.94 9.68 16.08
C ALA A 81 12.81 9.88 17.09
N TRP A 82 11.80 10.66 16.70
CA TRP A 82 10.62 10.87 17.56
C TRP A 82 9.79 9.58 17.66
N LEU A 83 9.54 8.95 16.51
CA LEU A 83 8.70 7.76 16.45
C LEU A 83 9.33 6.60 17.21
N ASN A 84 10.62 6.39 16.98
CA ASN A 84 11.32 5.22 17.48
C ASN A 84 12.24 5.49 18.67
N GLN A 85 11.75 6.30 19.62
CA GLN A 85 12.46 6.57 20.87
C GLN A 85 12.64 5.26 21.62
N PRO A 86 13.69 5.18 22.46
CA PRO A 86 14.01 3.93 23.16
C PRO A 86 12.85 3.42 24.01
N GLU A 87 12.11 4.32 24.65
CA GLU A 87 10.99 3.88 25.50
C GLU A 87 9.87 3.26 24.69
N ALA A 88 9.59 3.83 23.51
CA ALA A 88 8.60 3.26 22.58
C ALA A 88 9.00 1.87 22.06
N LEU A 89 10.26 1.71 21.68
CA LEU A 89 10.75 0.41 21.22
C LEU A 89 10.66 -0.64 22.35
N GLN A 90 11.05 -0.27 23.56
CA GLN A 90 11.04 -1.23 24.66
C GLN A 90 9.62 -1.66 25.04
N ALA A 91 8.69 -0.71 25.09
CA ALA A 91 7.29 -1.04 25.36
C ALA A 91 6.74 -1.98 24.27
N PHE A 92 7.11 -1.70 23.02
CA PHE A 92 6.67 -2.50 21.90
C PHE A 92 7.19 -3.92 22.04
N TRP A 93 8.49 -4.06 22.32
CA TRP A 93 9.10 -5.36 22.56
C TRP A 93 8.45 -6.10 23.72
N GLN A 94 8.22 -5.40 24.82
CA GLN A 94 7.68 -6.03 26.02
C GLN A 94 6.29 -6.61 25.77
N ALA A 95 5.58 -6.01 24.82
CA ALA A 95 4.24 -6.45 24.41
C ALA A 95 4.22 -7.60 23.40
N GLN A 96 5.40 -8.04 22.93
CA GLN A 96 5.47 -9.10 21.93
C GLN A 96 5.40 -10.49 22.56
N THR A 97 4.68 -11.41 21.91
CA THR A 97 4.62 -12.80 22.34
C THR A 97 5.99 -13.47 22.16
N PRO A 98 6.26 -14.53 22.94
CA PRO A 98 7.49 -15.31 22.80
C PRO A 98 7.72 -15.73 21.34
N ALA A 99 6.67 -16.18 20.64
CA ALA A 99 6.82 -16.60 19.24
C ALA A 99 7.30 -15.47 18.31
N VAL A 100 6.75 -14.28 18.50
CA VAL A 100 7.15 -13.13 17.66
C VAL A 100 8.57 -12.69 18.01
N ARG A 101 8.90 -12.65 19.30
CA ARG A 101 10.25 -12.32 19.72
C ARG A 101 11.27 -13.28 19.07
N GLN A 102 10.91 -14.56 19.04
CA GLN A 102 11.78 -15.59 18.48
C GLN A 102 11.96 -15.41 16.97
N LEU A 103 10.87 -15.12 16.26
CA LEU A 103 10.92 -14.83 14.80
C LEU A 103 11.89 -13.71 14.51
N LEU A 104 11.80 -12.66 15.32
CA LEU A 104 12.62 -11.47 15.11
C LEU A 104 14.08 -11.72 15.47
N GLU A 105 14.31 -12.37 16.59
CA GLU A 105 15.67 -12.78 17.00
C GLU A 105 16.35 -13.61 15.92
N GLY A 106 15.61 -14.56 15.36
CA GLY A 106 16.14 -15.43 14.30
C GLY A 106 16.41 -14.63 13.03
N TYR A 107 15.46 -13.78 12.64
CA TYR A 107 15.65 -12.92 11.49
C TYR A 107 16.94 -12.11 11.60
N ALA A 108 17.12 -11.40 12.72
CA ALA A 108 18.35 -10.61 12.90
C ALA A 108 19.60 -11.48 12.78
N ALA A 109 19.57 -12.64 13.43
CA ALA A 109 20.74 -13.54 13.37
C ALA A 109 21.03 -14.04 11.94
N GLY A 110 19.98 -14.32 11.18
CA GLY A 110 20.15 -14.86 9.82
C GLY A 110 20.67 -13.80 8.86
N PHE A 111 20.12 -12.61 8.98
CA PHE A 111 20.59 -11.45 8.19
C PHE A 111 22.08 -11.22 8.49
N ASN A 112 22.43 -11.21 9.78
CA ASN A 112 23.81 -10.97 10.19
C ASN A 112 24.78 -12.05 9.72
N ARG A 113 24.32 -13.29 9.74
CA ARG A 113 25.08 -14.44 9.21
C ARG A 113 25.45 -14.18 7.75
N PHE A 114 24.47 -13.77 6.94
CA PHE A 114 24.76 -13.49 5.53
C PHE A 114 25.80 -12.36 5.41
N LEU A 115 25.62 -11.29 6.18
CA LEU A 115 26.58 -10.18 6.18
C LEU A 115 28.00 -10.60 6.51
N ARG A 116 28.17 -11.47 7.50
CA ARG A 116 29.50 -11.99 7.85
C ARG A 116 30.16 -12.69 6.67
N GLU A 117 29.36 -13.37 5.86
CA GLU A 117 29.89 -14.20 4.77
C GLU A 117 29.92 -13.52 3.40
N ALA A 118 29.30 -12.36 3.29
CA ALA A 118 29.10 -11.72 1.98
C ALA A 118 30.42 -11.30 1.33
N ASP A 119 30.58 -11.63 0.06
CA ASP A 119 31.78 -11.23 -0.66
C ASP A 119 31.47 -10.31 -1.85
N GLY A 120 30.21 -9.89 -1.96
CA GLY A 120 29.80 -8.99 -3.04
C GLY A 120 29.05 -9.69 -4.17
N LYS A 121 29.00 -11.02 -4.14
CA LYS A 121 28.32 -11.80 -5.19
C LYS A 121 26.93 -11.24 -5.52
N THR A 122 26.16 -10.93 -4.49
CA THR A 122 24.82 -10.37 -4.70
C THR A 122 24.58 -9.12 -3.84
N THR A 123 25.65 -8.44 -3.48
CA THR A 123 25.58 -7.30 -2.55
C THR A 123 26.41 -6.14 -3.09
N SER A 124 25.74 -5.15 -3.67
CA SER A 124 26.45 -4.05 -4.34
C SER A 124 27.03 -3.02 -3.37
N CYS A 125 26.56 -3.01 -2.13
CA CYS A 125 26.94 -2.00 -1.14
C CYS A 125 27.98 -2.52 -0.16
N LEU A 126 28.61 -3.64 -0.52
CA LEU A 126 29.68 -4.18 0.29
C LEU A 126 30.71 -3.08 0.61
N GLY A 127 31.08 -2.97 1.89
CA GLY A 127 32.08 -1.98 2.34
C GLY A 127 31.53 -0.61 2.77
N GLN A 128 30.23 -0.40 2.56
CA GLN A 128 29.62 0.85 3.00
C GLN A 128 29.45 0.85 4.50
N PRO A 129 29.72 1.99 5.18
CA PRO A 129 29.64 1.99 6.65
C PRO A 129 28.23 1.73 7.20
N TRP A 130 27.20 1.97 6.39
CA TRP A 130 25.81 1.76 6.80
C TRP A 130 25.33 0.31 6.57
N LEU A 131 26.16 -0.52 5.93
CA LEU A 131 25.87 -1.93 5.83
C LEU A 131 26.46 -2.62 7.05
N ARG A 132 25.61 -2.97 8.00
CA ARG A 132 26.12 -3.48 9.27
C ARG A 132 25.17 -4.42 9.97
N ALA A 133 25.70 -5.11 10.98
CA ALA A 133 24.91 -6.06 11.76
C ALA A 133 23.66 -5.39 12.27
N ILE A 134 22.54 -6.10 12.22
CA ILE A 134 21.28 -5.52 12.71
C ILE A 134 20.85 -6.12 14.05
N ALA A 135 19.96 -5.42 14.74
CA ALA A 135 19.45 -5.88 16.02
C ALA A 135 17.93 -6.05 15.92
N THR A 136 17.35 -6.83 16.83
CA THR A 136 15.89 -6.88 16.91
C THR A 136 15.28 -5.49 16.99
N ASP A 137 15.89 -4.56 17.72
CA ASP A 137 15.36 -3.18 17.77
C ASP A 137 15.22 -2.57 16.38
N ASP A 138 16.16 -2.87 15.48
CA ASP A 138 16.07 -2.36 14.10
C ASP A 138 14.82 -2.89 13.40
N LEU A 139 14.49 -4.17 13.67
CA LEU A 139 13.28 -4.74 13.09
C LEU A 139 12.04 -4.09 13.71
N LEU A 140 12.11 -3.78 15.00
CA LEU A 140 10.99 -3.04 15.60
C LEU A 140 10.85 -1.66 14.96
N ARG A 141 11.97 -1.01 14.68
CA ARG A 141 11.94 0.31 14.03
C ARG A 141 11.22 0.25 12.68
N LEU A 142 11.57 -0.76 11.87
CA LEU A 142 10.90 -0.99 10.59
C LEU A 142 9.41 -1.26 10.75
N THR A 143 9.07 -2.13 11.72
CA THR A 143 7.67 -2.44 11.97
C THR A 143 6.86 -1.20 12.32
N ARG A 144 7.40 -0.37 13.21
N ARG A 144 7.39 -0.36 13.19
CA ARG A 144 6.70 0.83 13.67
CA ARG A 144 6.64 0.80 13.65
C ARG A 144 6.53 1.83 12.53
C ARG A 144 6.55 1.88 12.56
N ARG A 145 7.58 1.96 11.71
CA ARG A 145 7.52 2.80 10.52
C ARG A 145 6.35 2.38 9.61
N LEU A 146 6.19 1.08 9.40
CA LEU A 146 5.07 0.58 8.57
C LEU A 146 3.72 0.74 9.26
N LEU A 147 3.71 0.54 10.57
CA LEU A 147 2.50 0.66 11.38
C LEU A 147 1.81 2.02 11.20
N VAL A 148 2.62 3.09 11.16
CA VAL A 148 2.10 4.46 11.07
C VAL A 148 1.92 5.01 9.65
N GLU A 149 2.09 4.15 8.63
N GLU A 149 2.11 4.16 8.64
CA GLU A 149 1.92 4.56 7.23
CA GLU A 149 1.91 4.55 7.26
C GLU A 149 0.48 4.92 6.86
C GLU A 149 0.53 5.12 7.02
N GLY A 150 -0.47 4.56 7.72
CA GLY A 150 -1.87 4.96 7.53
C GLY A 150 -2.28 6.07 8.47
N GLY A 151 -1.30 6.66 9.15
CA GLY A 151 -1.58 7.67 10.19
C GLY A 151 -0.54 8.76 10.23
N VAL A 152 0.12 8.90 11.37
CA VAL A 152 1.09 9.99 11.61
C VAL A 152 2.26 9.98 10.61
N GLY A 153 2.63 8.79 10.10
CA GLY A 153 3.66 8.75 9.03
C GLY A 153 3.32 9.61 7.81
N GLN A 154 2.04 9.69 7.45
N GLN A 154 2.03 9.70 7.47
CA GLN A 154 1.61 10.57 6.34
CA GLN A 154 1.56 10.56 6.37
C GLN A 154 1.76 12.06 6.68
C GLN A 154 1.62 12.06 6.72
N PHE A 155 1.99 12.36 7.96
CA PHE A 155 2.15 13.75 8.45
C PHE A 155 3.56 14.01 8.94
N ALA A 156 4.53 13.21 8.49
CA ALA A 156 5.91 13.38 8.95
C ALA A 156 6.44 14.80 8.73
N ASP A 157 6.33 15.33 7.51
CA ASP A 157 6.76 16.71 7.25
C ASP A 157 5.99 17.72 8.09
N ALA A 158 4.69 17.47 8.25
CA ALA A 158 3.80 18.36 9.02
C ALA A 158 4.18 18.40 10.50
N LEU A 159 4.59 17.25 11.04
CA LEU A 159 5.04 17.18 12.42
C LEU A 159 6.31 18.00 12.60
N VAL A 160 7.26 17.82 11.67
CA VAL A 160 8.52 18.53 11.72
C VAL A 160 8.31 20.05 11.58
N ALA A 161 7.33 20.44 10.77
CA ALA A 161 6.99 21.85 10.54
C ALA A 161 6.26 22.57 11.70
N ALA A 162 5.76 21.82 12.67
CA ALA A 162 4.91 22.40 13.72
C ALA A 162 5.72 23.20 14.76
N ALA A 163 5.64 24.52 14.66
CA ALA A 163 6.33 25.39 15.60
C ALA A 163 5.38 26.52 16.00
N PRO A 164 5.43 26.94 17.28
CA PRO A 164 4.49 27.94 17.79
C PRO A 164 4.70 29.29 17.11
N PRO A 165 3.63 30.12 17.05
CA PRO A 165 3.79 31.42 16.40
C PRO A 165 4.77 32.33 17.15
N GLY A 166 5.31 33.31 16.43
CA GLY A 166 6.12 34.36 17.05
C GLY A 166 5.26 35.58 17.34
N ALA A 167 5.84 36.76 17.13
CA ALA A 167 5.17 38.00 17.46
C ALA A 167 4.42 38.64 16.28
N GLU A 168 4.15 37.85 15.23
CA GLU A 168 3.63 38.37 13.95
C GLU A 168 2.22 38.96 13.98
N LYS A 169 1.98 39.90 13.05
CA LYS A 169 0.65 40.40 12.75
C LYS A 169 0.02 39.60 11.59
N SER B 1 -4.74 -1.12 -5.05
CA SER B 1 -4.76 -2.62 -4.93
C SER B 1 -6.14 -3.16 -5.37
N ASN B 2 -6.15 -4.36 -5.96
CA ASN B 2 -7.38 -5.09 -6.26
C ASN B 2 -7.39 -6.43 -5.56
N ALA B 3 -8.58 -6.93 -5.28
CA ALA B 3 -8.74 -8.26 -4.69
C ALA B 3 -10.11 -8.77 -5.10
N ILE B 4 -10.16 -10.03 -5.54
CA ILE B 4 -11.43 -10.70 -5.83
C ILE B 4 -11.39 -12.08 -5.19
N ALA B 5 -12.39 -12.38 -4.38
CA ALA B 5 -12.56 -13.73 -3.84
C ALA B 5 -13.83 -14.30 -4.44
N VAL B 6 -13.73 -15.51 -4.99
CA VAL B 6 -14.87 -16.17 -5.61
C VAL B 6 -15.25 -17.41 -4.79
N GLY B 7 -16.55 -17.63 -4.62
CA GLY B 7 -17.03 -18.75 -3.81
C GLY B 7 -17.66 -19.86 -4.64
N SER B 8 -18.21 -20.84 -3.93
CA SER B 8 -18.75 -22.06 -4.55
C SER B 8 -19.89 -21.82 -5.53
N GLU B 9 -20.67 -20.76 -5.33
CA GLU B 9 -21.81 -20.47 -6.20
C GLU B 9 -21.43 -19.88 -7.56
N ARG B 10 -20.18 -19.45 -7.71
CA ARG B 10 -19.75 -18.76 -8.94
C ARG B 10 -18.49 -19.33 -9.63
N SER B 11 -17.68 -20.06 -8.87
N SER B 11 -17.69 -20.05 -8.87
CA SER B 11 -16.45 -20.64 -9.39
CA SER B 11 -16.45 -20.64 -9.38
C SER B 11 -16.76 -21.80 -10.34
C SER B 11 -16.75 -21.82 -10.32
N ALA B 12 -15.91 -21.97 -11.35
CA ALA B 12 -16.07 -23.03 -12.34
C ALA B 12 -15.94 -24.44 -11.73
N ASP B 13 -15.23 -24.55 -10.61
CA ASP B 13 -15.02 -25.86 -9.97
C ASP B 13 -15.84 -26.05 -8.70
N GLY B 14 -16.60 -25.03 -8.31
CA GLY B 14 -17.42 -25.10 -7.08
C GLY B 14 -16.60 -24.91 -5.80
N LYS B 15 -15.33 -24.55 -5.95
CA LYS B 15 -14.44 -24.34 -4.81
C LYS B 15 -14.17 -22.84 -4.67
N GLY B 16 -13.29 -22.47 -3.75
CA GLY B 16 -12.89 -21.06 -3.60
C GLY B 16 -11.80 -20.66 -4.58
N MET B 17 -11.69 -19.37 -4.82
CA MET B 17 -10.66 -18.85 -5.71
C MET B 17 -10.35 -17.42 -5.31
N LEU B 18 -9.07 -17.06 -5.31
CA LEU B 18 -8.69 -15.70 -4.92
C LEU B 18 -7.70 -15.08 -5.90
N LEU B 19 -8.05 -13.90 -6.40
CA LEU B 19 -7.08 -13.07 -7.10
C LEU B 19 -6.56 -11.98 -6.17
N ALA B 20 -5.24 -11.97 -5.98
CA ALA B 20 -4.54 -10.96 -5.19
C ALA B 20 -3.71 -10.09 -6.13
N ASN B 21 -4.05 -8.81 -6.20
CA ASN B 21 -3.35 -7.84 -7.06
C ASN B 21 -3.05 -6.55 -6.29
N PRO B 22 -2.21 -6.63 -5.23
CA PRO B 22 -1.84 -5.43 -4.48
C PRO B 22 -1.05 -4.45 -5.35
N HIS B 23 -1.29 -3.16 -5.13
CA HIS B 23 -0.57 -2.12 -5.85
C HIS B 23 0.30 -1.39 -4.85
N PHE B 24 1.62 -1.57 -4.98
CA PHE B 24 2.57 -1.06 -3.99
C PHE B 24 3.88 -0.62 -4.66
N PRO B 25 4.77 0.07 -3.92
CA PRO B 25 5.98 0.59 -4.56
C PRO B 25 6.89 -0.49 -5.12
N TRP B 26 7.64 -0.12 -6.15
CA TRP B 26 8.60 -1.04 -6.76
C TRP B 26 9.99 -0.96 -6.10
N ASN B 27 10.11 -0.11 -5.08
CA ASN B 27 11.37 0.07 -4.33
C ASN B 27 11.07 0.44 -2.88
N GLY B 28 12.07 0.33 -2.01
CA GLY B 28 11.99 0.90 -0.67
C GLY B 28 11.39 -0.03 0.36
N ALA B 29 10.90 0.56 1.44
CA ALA B 29 10.45 -0.19 2.61
C ALA B 29 9.15 -0.99 2.46
N MET B 30 8.48 -0.84 1.32
CA MET B 30 7.23 -1.57 1.07
C MET B 30 7.32 -2.45 -0.17
N ARG B 31 8.55 -2.82 -0.53
N ARG B 31 8.55 -2.82 -0.53
CA ARG B 31 8.82 -3.67 -1.69
CA ARG B 31 8.81 -3.66 -1.68
C ARG B 31 8.58 -5.13 -1.31
C ARG B 31 8.57 -5.12 -1.31
N PHE B 32 7.54 -5.73 -1.91
CA PHE B 32 7.18 -7.13 -1.61
C PHE B 32 8.29 -8.12 -1.94
N TYR B 33 8.31 -9.21 -1.18
CA TYR B 33 9.30 -10.26 -1.36
C TYR B 33 8.62 -11.59 -1.14
N GLN B 34 8.83 -12.55 -2.05
CA GLN B 34 8.19 -13.85 -1.95
C GLN B 34 8.94 -14.78 -1.01
N MET B 35 8.18 -15.55 -0.23
CA MET B 35 8.76 -16.63 0.56
C MET B 35 7.69 -17.63 0.98
N HIS B 36 8.17 -18.83 1.30
CA HIS B 36 7.35 -19.93 1.77
C HIS B 36 7.96 -20.32 3.12
N LEU B 37 7.11 -20.37 4.15
CA LEU B 37 7.49 -20.67 5.53
C LEU B 37 6.86 -21.98 6.01
N THR B 38 7.68 -22.88 6.56
CA THR B 38 7.18 -24.13 7.09
C THR B 38 7.80 -24.51 8.44
N ILE B 39 6.96 -24.75 9.44
CA ILE B 39 7.38 -25.44 10.62
C ILE B 39 6.53 -26.71 10.58
N PRO B 40 7.14 -27.83 10.16
CA PRO B 40 6.35 -29.02 9.85
C PRO B 40 5.39 -29.42 10.97
N GLY B 41 4.13 -29.60 10.61
CA GLY B 41 3.11 -30.00 11.58
C GLY B 41 2.23 -28.85 12.04
N ARG B 42 2.68 -27.61 11.92
CA ARG B 42 1.89 -26.50 12.48
C ARG B 42 1.91 -25.18 11.72
N LEU B 43 2.80 -25.04 10.75
CA LEU B 43 2.83 -23.82 9.93
C LEU B 43 3.25 -24.19 8.52
N ASP B 44 2.47 -23.77 7.52
CA ASP B 44 2.87 -23.99 6.14
C ASP B 44 2.17 -23.01 5.24
N VAL B 45 2.89 -21.95 4.90
CA VAL B 45 2.27 -20.80 4.29
C VAL B 45 3.22 -20.18 3.29
N MET B 46 2.68 -19.68 2.19
CA MET B 46 3.50 -19.08 1.15
C MET B 46 2.86 -17.81 0.67
N GLY B 47 3.70 -16.82 0.35
CA GLY B 47 3.20 -15.62 -0.31
C GLY B 47 4.27 -14.58 -0.45
N ALA B 48 3.96 -13.37 -0.03
CA ALA B 48 4.90 -12.28 -0.09
C ALA B 48 4.77 -11.39 1.13
N SER B 49 5.87 -10.73 1.47
CA SER B 49 5.93 -9.92 2.68
C SER B 49 6.70 -8.65 2.42
N LEU B 50 6.57 -7.71 3.37
CA LEU B 50 7.30 -6.46 3.31
C LEU B 50 8.67 -6.61 3.96
N PRO B 51 9.66 -5.77 3.56
CA PRO B 51 11.03 -5.88 4.09
C PRO B 51 11.12 -5.86 5.61
N GLY B 52 11.84 -6.83 6.17
CA GLY B 52 12.10 -6.86 7.61
C GLY B 52 11.10 -7.62 8.46
N LEU B 53 10.00 -8.08 7.85
CA LEU B 53 8.94 -8.80 8.58
C LEU B 53 9.06 -10.32 8.44
N PRO B 54 9.18 -11.03 9.57
CA PRO B 54 9.34 -12.50 9.49
C PRO B 54 7.98 -13.24 9.46
N VAL B 55 7.04 -12.73 8.67
CA VAL B 55 5.73 -13.34 8.49
C VAL B 55 5.31 -13.12 7.05
N VAL B 56 4.35 -13.92 6.58
CA VAL B 56 3.81 -13.73 5.23
C VAL B 56 2.65 -12.71 5.33
N ASN B 57 2.70 -11.67 4.51
CA ASN B 57 1.64 -10.64 4.53
C ASN B 57 0.45 -10.94 3.64
N ILE B 58 0.73 -11.41 2.43
CA ILE B 58 -0.30 -11.84 1.49
C ILE B 58 0.09 -13.26 1.05
N GLY B 59 -0.81 -14.22 1.13
CA GLY B 59 -0.39 -15.58 0.84
C GLY B 59 -1.47 -16.61 0.79
N PHE B 60 -1.06 -17.86 0.95
CA PHE B 60 -2.00 -18.95 0.89
C PHE B 60 -1.44 -20.14 1.65
N SER B 61 -2.32 -21.04 2.02
CA SER B 61 -1.93 -22.27 2.69
C SER B 61 -2.78 -23.40 2.11
N ARG B 62 -2.81 -24.55 2.80
CA ARG B 62 -3.43 -25.74 2.24
C ARG B 62 -4.89 -25.53 1.78
N HIS B 63 -5.67 -24.82 2.59
CA HIS B 63 -7.11 -24.65 2.31
C HIS B 63 -7.55 -23.20 2.17
N LEU B 64 -6.61 -22.26 2.21
CA LEU B 64 -6.93 -20.84 2.35
C LEU B 64 -6.02 -19.94 1.53
N ALA B 65 -6.57 -18.87 0.99
CA ALA B 65 -5.76 -17.82 0.39
C ALA B 65 -6.32 -16.50 0.85
N TRP B 66 -5.46 -15.53 1.13
CA TRP B 66 -5.95 -14.22 1.59
C TRP B 66 -5.07 -13.12 1.00
N THR B 67 -5.64 -11.94 0.90
CA THR B 67 -4.91 -10.77 0.44
C THR B 67 -5.45 -9.52 1.15
N HIS B 68 -4.86 -8.38 0.82
CA HIS B 68 -5.23 -7.11 1.45
C HIS B 68 -5.33 -6.00 0.44
N THR B 69 -6.11 -4.97 0.77
CA THR B 69 -6.12 -3.75 0.01
C THR B 69 -6.21 -2.60 1.00
N VAL B 70 -5.64 -1.45 0.65
CA VAL B 70 -5.73 -0.27 1.52
C VAL B 70 -7.21 0.14 1.63
N ASP B 71 -7.68 0.34 2.86
CA ASP B 71 -9.08 0.65 3.11
C ASP B 71 -9.35 2.16 3.09
N THR B 72 -10.62 2.56 3.18
CA THR B 72 -10.96 3.97 3.22
C THR B 72 -11.25 4.43 4.64
N SER B 73 -11.06 3.55 5.62
CA SER B 73 -11.31 3.89 7.03
C SER B 73 -10.23 4.83 7.56
N SER B 74 -10.57 5.61 8.58
CA SER B 74 -9.62 6.51 9.20
C SER B 74 -8.87 5.71 10.25
N HIS B 75 -7.56 5.92 10.33
CA HIS B 75 -6.73 5.22 11.30
C HIS B 75 -6.06 6.19 12.25
N PHE B 76 -6.54 7.43 12.20
CA PHE B 76 -6.09 8.49 13.09
C PHE B 76 -7.21 9.51 13.15
N THR B 77 -7.13 10.41 14.12
CA THR B 77 -7.92 11.64 14.05
C THR B 77 -7.03 12.82 14.33
N LEU B 78 -7.33 13.92 13.63
CA LEU B 78 -6.80 15.24 13.95
C LEU B 78 -7.66 15.80 15.06
N TYR B 79 -7.04 16.57 15.94
CA TYR B 79 -7.77 17.31 16.96
C TYR B 79 -7.46 18.79 16.80
N ARG B 80 -8.48 19.59 16.58
CA ARG B 80 -8.29 21.03 16.59
C ARG B 80 -8.23 21.51 18.03
N LEU B 81 -7.11 22.12 18.37
CA LEU B 81 -6.92 22.66 19.72
C LEU B 81 -7.40 24.10 19.77
N ALA B 82 -8.12 24.43 20.84
CA ALA B 82 -8.41 25.83 21.17
C ALA B 82 -7.27 26.31 22.05
N LEU B 83 -6.47 27.23 21.54
CA LEU B 83 -5.31 27.66 22.30
C LEU B 83 -5.71 28.60 23.44
N ASP B 84 -4.93 28.55 24.53
CA ASP B 84 -5.03 29.52 25.63
C ASP B 84 -4.81 30.92 25.05
N PRO B 85 -5.81 31.82 25.21
CA PRO B 85 -5.67 33.15 24.62
C PRO B 85 -4.47 33.92 25.18
N LYS B 86 -3.97 33.49 26.34
CA LYS B 86 -2.84 34.13 26.98
C LYS B 86 -1.49 33.52 26.61
N ASP B 87 -1.52 32.33 26.00
CA ASP B 87 -0.28 31.56 25.77
C ASP B 87 -0.49 30.54 24.64
N PRO B 88 0.12 30.77 23.45
CA PRO B 88 -0.08 29.86 22.31
C PRO B 88 0.61 28.49 22.47
N ARG B 89 1.32 28.30 23.58
CA ARG B 89 1.92 27.00 23.89
C ARG B 89 1.10 26.26 24.94
N ARG B 90 -0.10 26.79 25.19
CA ARG B 90 -1.07 26.11 26.04
C ARG B 90 -2.42 25.98 25.29
N TYR B 91 -3.20 24.97 25.65
CA TYR B 91 -4.45 24.67 24.96
C TYR B 91 -5.54 24.30 25.97
N LEU B 92 -6.78 24.58 25.62
CA LEU B 92 -7.90 24.42 26.56
C LEU B 92 -8.62 23.09 26.37
N VAL B 93 -8.86 22.38 27.48
CA VAL B 93 -9.73 21.21 27.48
C VAL B 93 -10.73 21.45 28.61
N ASP B 94 -12.01 21.48 28.26
CA ASP B 94 -13.07 21.80 29.22
C ASP B 94 -12.76 23.11 29.95
N GLY B 95 -12.24 24.07 29.19
CA GLY B 95 -11.98 25.40 29.70
C GLY B 95 -10.76 25.53 30.58
N ARG B 96 -10.00 24.45 30.73
CA ARG B 96 -8.78 24.48 31.55
C ARG B 96 -7.55 24.51 30.67
N SER B 97 -6.60 25.39 30.99
CA SER B 97 -5.39 25.56 30.21
C SER B 97 -4.35 24.50 30.57
N LEU B 98 -3.94 23.73 29.56
CA LEU B 98 -2.94 22.68 29.71
C LEU B 98 -1.67 23.07 28.94
N PRO B 99 -0.48 22.74 29.50
CA PRO B 99 0.75 23.02 28.77
C PRO B 99 1.03 21.94 27.72
N LEU B 100 1.55 22.36 26.57
CA LEU B 100 2.11 21.40 25.63
C LEU B 100 3.40 20.82 26.21
N GLU B 101 3.60 19.54 25.95
CA GLU B 101 4.81 18.81 26.25
C GLU B 101 5.84 19.11 25.19
N GLU B 102 7.10 19.28 25.59
CA GLU B 102 8.16 19.50 24.63
C GLU B 102 9.12 18.34 24.69
N LYS B 103 9.23 17.60 23.58
CA LYS B 103 10.16 16.48 23.49
C LYS B 103 11.24 16.83 22.49
N SER B 104 12.48 16.93 22.95
CA SER B 104 13.56 17.24 22.04
C SER B 104 14.23 15.97 21.52
N VAL B 105 14.53 15.94 20.22
CA VAL B 105 15.35 14.86 19.66
C VAL B 105 16.64 15.47 19.13
N ALA B 106 17.72 14.72 19.09
CA ALA B 106 18.97 15.24 18.55
C ALA B 106 19.42 14.38 17.38
N ILE B 107 19.79 15.02 16.28
CA ILE B 107 20.14 14.33 15.04
C ILE B 107 21.58 14.70 14.66
N GLU B 108 22.37 13.73 14.21
CA GLU B 108 23.70 14.03 13.68
C GLU B 108 23.60 14.26 12.19
N VAL B 109 24.27 15.31 11.71
CA VAL B 109 24.24 15.68 10.31
C VAL B 109 25.67 15.75 9.75
N ARG B 110 25.91 14.98 8.69
CA ARG B 110 27.20 15.01 8.00
C ARG B 110 27.24 16.23 7.10
N GLY B 111 28.24 17.07 7.32
CA GLY B 111 28.33 18.36 6.62
C GLY B 111 29.16 18.29 5.35
N ALA B 112 29.27 19.45 4.70
CA ALA B 112 30.05 19.62 3.50
C ALA B 112 31.51 19.22 3.72
N ASP B 113 32.04 19.55 4.91
CA ASP B 113 33.40 19.20 5.29
C ASP B 113 33.55 17.73 5.71
N GLY B 114 32.47 16.97 5.65
CA GLY B 114 32.47 15.55 6.05
C GLY B 114 32.39 15.29 7.55
N LYS B 115 32.32 16.35 8.35
CA LYS B 115 32.23 16.24 9.81
C LYS B 115 30.77 16.21 10.28
N LEU B 116 30.53 15.63 11.45
CA LEU B 116 29.19 15.57 12.03
C LEU B 116 28.90 16.77 12.93
N SER B 117 27.70 17.32 12.78
N SER B 117 27.71 17.33 12.78
CA SER B 117 27.18 18.36 13.67
CA SER B 117 27.21 18.35 13.71
C SER B 117 25.88 17.87 14.28
C SER B 117 25.85 17.95 14.24
N ARG B 118 25.58 18.34 15.49
CA ARG B 118 24.38 17.91 16.20
C ARG B 118 23.27 18.92 15.99
N VAL B 119 22.11 18.46 15.55
CA VAL B 119 20.95 19.33 15.37
C VAL B 119 19.88 18.91 16.37
N GLU B 120 19.40 19.87 17.16
CA GLU B 120 18.34 19.57 18.14
C GLU B 120 17.03 20.13 17.64
N HIS B 121 15.97 19.35 17.79
CA HIS B 121 14.67 19.75 17.30
C HIS B 121 13.61 19.49 18.35
N LYS B 122 12.74 20.48 18.57
CA LYS B 122 11.66 20.36 19.53
C LYS B 122 10.35 19.90 18.89
N VAL B 123 9.80 18.80 19.41
CA VAL B 123 8.51 18.27 18.99
C VAL B 123 7.48 18.58 20.08
N TYR B 124 6.48 19.37 19.72
CA TYR B 124 5.45 19.75 20.68
C TYR B 124 4.36 18.70 20.69
N GLN B 125 3.93 18.28 21.89
CA GLN B 125 2.93 17.24 22.03
C GLN B 125 1.79 17.69 22.94
N SER B 126 0.58 17.29 22.58
CA SER B 126 -0.60 17.48 23.44
C SER B 126 -0.98 16.12 23.99
N ILE B 127 -2.02 16.09 24.83
CA ILE B 127 -2.55 14.81 25.34
C ILE B 127 -2.98 13.87 24.23
N TYR B 128 -3.28 14.42 23.03
CA TYR B 128 -3.72 13.60 21.91
C TYR B 128 -2.56 13.02 21.08
N GLY B 129 -1.42 13.69 21.11
CA GLY B 129 -0.34 13.37 20.19
C GLY B 129 0.37 14.65 19.76
N PRO B 130 1.30 14.53 18.81
CA PRO B 130 2.12 15.64 18.35
C PRO B 130 1.32 16.64 17.54
N LEU B 131 1.73 17.89 17.58
CA LEU B 131 1.13 18.91 16.73
C LEU B 131 1.63 18.75 15.30
N VAL B 132 0.77 19.15 14.36
CA VAL B 132 1.08 19.05 12.93
C VAL B 132 0.64 20.34 12.23
N VAL B 133 1.46 20.78 11.28
CA VAL B 133 1.16 22.01 10.52
C VAL B 133 1.13 21.73 9.00
N TRP B 134 0.01 22.12 8.37
CA TRP B 134 -0.08 22.24 6.90
C TRP B 134 -0.25 23.73 6.62
N PRO B 135 0.84 24.40 6.19
CA PRO B 135 0.76 25.84 5.99
C PRO B 135 -0.43 26.23 5.11
N GLY B 136 -1.26 27.14 5.58
CA GLY B 136 -2.41 27.62 4.81
C GLY B 136 -3.70 26.84 5.04
N LYS B 137 -3.62 25.72 5.74
CA LYS B 137 -4.81 24.89 6.06
C LYS B 137 -4.88 24.53 7.55
N LEU B 138 -3.82 23.89 8.05
CA LEU B 138 -3.74 23.54 9.46
C LEU B 138 -2.56 24.30 10.05
N ASP B 139 -2.80 25.54 10.44
CA ASP B 139 -1.74 26.38 10.95
C ASP B 139 -1.63 26.22 12.46
N TRP B 140 -0.58 26.80 13.03
CA TRP B 140 -0.48 26.96 14.46
C TRP B 140 -0.35 28.46 14.67
N ASN B 141 -1.48 29.12 14.97
CA ASN B 141 -1.49 30.56 15.19
C ASN B 141 -1.80 30.84 16.65
N ARG B 142 -2.35 32.01 16.97
CA ARG B 142 -2.65 32.32 18.38
C ARG B 142 -4.04 31.83 18.83
N SER B 143 -4.80 31.28 17.89
N SER B 143 -4.81 31.29 17.89
CA SER B 143 -6.16 30.83 18.16
CA SER B 143 -6.17 30.83 18.15
C SER B 143 -6.29 29.31 18.17
C SER B 143 -6.28 29.30 18.18
N GLU B 144 -5.61 28.65 17.23
CA GLU B 144 -5.75 27.22 17.09
C GLU B 144 -4.47 26.55 16.63
N ALA B 145 -4.42 25.24 16.89
CA ALA B 145 -3.38 24.35 16.37
C ALA B 145 -4.04 22.99 16.19
N TYR B 146 -3.32 22.07 15.54
CA TYR B 146 -3.84 20.73 15.29
C TYR B 146 -2.91 19.68 15.84
N ALA B 147 -3.46 18.72 16.58
CA ALA B 147 -2.69 17.57 17.03
C ALA B 147 -3.18 16.32 16.32
N LEU B 148 -2.37 15.27 16.33
CA LEU B 148 -2.74 14.06 15.58
C LEU B 148 -2.63 12.84 16.50
N ARG B 149 -3.75 12.13 16.65
CA ARG B 149 -3.72 10.86 17.37
C ARG B 149 -3.80 9.70 16.43
N ASP B 150 -2.73 8.93 16.38
CA ASP B 150 -2.60 7.79 15.46
C ASP B 150 -2.99 6.53 16.22
N ALA B 151 -4.00 5.81 15.74
CA ALA B 151 -4.54 4.67 16.50
C ALA B 151 -3.58 3.50 16.51
N ASN B 152 -2.74 3.43 15.49
CA ASN B 152 -1.81 2.30 15.39
C ASN B 152 -0.52 2.41 16.21
N LEU B 153 -0.26 3.58 16.78
CA LEU B 153 0.84 3.72 17.75
C LEU B 153 0.69 2.77 18.93
N GLU B 154 -0.54 2.46 19.32
CA GLU B 154 -0.79 1.54 20.43
C GLU B 154 -1.03 0.09 19.96
N ASN B 155 -0.97 -0.14 18.65
CA ASN B 155 -1.20 -1.47 18.10
C ASN B 155 0.07 -2.29 18.16
N THR B 156 0.32 -2.90 19.30
CA THR B 156 1.48 -3.77 19.47
C THR B 156 1.21 -5.18 18.92
N ARG B 157 0.03 -5.36 18.34
CA ARG B 157 -0.46 -6.69 17.97
C ARG B 157 -0.20 -7.05 16.50
N VAL B 158 0.39 -6.13 15.74
CA VAL B 158 0.49 -6.25 14.28
C VAL B 158 1.22 -7.51 13.78
N LEU B 159 2.40 -7.79 14.35
CA LEU B 159 3.16 -8.99 13.96
C LEU B 159 2.47 -10.27 14.40
N GLN B 160 2.01 -10.32 15.66
CA GLN B 160 1.23 -11.46 16.15
C GLN B 160 0.05 -11.72 15.21
N GLN B 161 -0.57 -10.63 14.75
CA GLN B 161 -1.74 -10.73 13.89
C GLN B 161 -1.47 -11.43 12.55
N TRP B 162 -0.40 -11.04 11.85
CA TRP B 162 -0.08 -11.73 10.59
C TRP B 162 0.44 -13.15 10.80
N TYR B 163 1.19 -13.36 11.88
CA TYR B 163 1.62 -14.72 12.21
C TYR B 163 0.40 -15.60 12.49
N SER B 164 -0.60 -15.05 13.18
CA SER B 164 -1.85 -15.77 13.40
C SER B 164 -2.57 -16.05 12.07
N ILE B 165 -2.66 -15.04 11.19
CA ILE B 165 -3.21 -15.25 9.85
C ILE B 165 -2.47 -16.39 9.10
N ASN B 166 -1.14 -16.43 9.25
CA ASN B 166 -0.31 -17.45 8.61
C ASN B 166 -0.67 -18.85 9.09
N GLN B 167 -1.25 -18.95 10.28
CA GLN B 167 -1.62 -20.23 10.87
C GLN B 167 -3.10 -20.59 10.62
N ALA B 168 -3.85 -19.69 10.00
CA ALA B 168 -5.29 -19.90 9.79
C ALA B 168 -5.58 -21.09 8.86
N SER B 169 -6.63 -21.85 9.15
CA SER B 169 -6.97 -23.03 8.35
C SER B 169 -7.90 -22.67 7.18
N ASP B 170 -9.01 -21.99 7.49
CA ASP B 170 -10.00 -21.65 6.48
C ASP B 170 -10.55 -20.24 6.72
N VAL B 171 -11.57 -19.86 5.94
CA VAL B 171 -12.12 -18.51 6.02
C VAL B 171 -12.71 -18.21 7.41
N ALA B 172 -13.44 -19.17 7.98
CA ALA B 172 -14.04 -19.01 9.30
C ALA B 172 -12.98 -18.80 10.38
N ASP B 173 -11.89 -19.57 10.28
CA ASP B 173 -10.78 -19.49 11.21
C ASP B 173 -10.04 -18.16 11.05
N LEU B 174 -9.83 -17.75 9.79
CA LEU B 174 -9.21 -16.46 9.51
C LEU B 174 -10.00 -15.32 10.15
N ARG B 175 -11.32 -15.35 9.98
CA ARG B 175 -12.18 -14.32 10.56
C ARG B 175 -12.07 -14.28 12.08
N ARG B 176 -12.17 -15.45 12.72
CA ARG B 176 -11.98 -15.53 14.17
C ARG B 176 -10.66 -14.90 14.62
N ARG B 177 -9.58 -15.26 13.95
CA ARG B 177 -8.23 -14.81 14.32
C ARG B 177 -8.01 -13.30 14.17
N VAL B 178 -8.60 -12.72 13.14
CA VAL B 178 -8.50 -11.28 12.87
C VAL B 178 -9.41 -10.50 13.82
N GLU B 179 -10.64 -10.98 14.00
CA GLU B 179 -11.58 -10.30 14.89
C GLU B 179 -11.14 -10.36 16.34
N ALA B 180 -10.52 -11.47 16.74
CA ALA B 180 -10.05 -11.63 18.12
C ALA B 180 -8.97 -10.62 18.48
N LEU B 181 -8.01 -10.45 17.59
CA LEU B 181 -6.81 -9.70 17.91
C LEU B 181 -6.86 -8.23 17.48
N GLN B 182 -7.58 -7.96 16.39
CA GLN B 182 -7.69 -6.61 15.84
C GLN B 182 -6.31 -5.95 15.69
N GLY B 183 -5.37 -6.67 15.07
CA GLY B 183 -4.03 -6.14 14.88
C GLY B 183 -3.71 -5.64 13.47
N ILE B 184 -4.70 -5.69 12.56
N ILE B 184 -4.70 -5.69 12.56
CA ILE B 184 -4.49 -5.21 11.20
CA ILE B 184 -4.49 -5.22 11.19
C ILE B 184 -4.54 -3.68 11.17
C ILE B 184 -4.54 -3.69 11.16
N PRO B 185 -3.44 -3.02 10.73
CA PRO B 185 -3.37 -1.56 10.84
C PRO B 185 -4.27 -0.74 9.91
N TRP B 186 -4.20 -0.98 8.60
CA TRP B 186 -4.84 -0.05 7.66
C TRP B 186 -5.23 -0.68 6.33
N VAL B 187 -5.50 -1.99 6.37
CA VAL B 187 -5.99 -2.67 5.19
C VAL B 187 -7.26 -3.50 5.42
N ASN B 188 -8.00 -3.68 4.33
CA ASN B 188 -9.02 -4.70 4.21
C ASN B 188 -8.35 -6.06 4.07
N THR B 189 -9.12 -7.12 4.32
CA THR B 189 -8.67 -8.48 4.11
C THR B 189 -9.73 -9.17 3.26
N LEU B 190 -9.30 -9.81 2.18
CA LEU B 190 -10.20 -10.63 1.36
C LEU B 190 -9.62 -12.03 1.25
N ALA B 191 -10.49 -13.03 1.27
CA ALA B 191 -10.03 -14.41 1.35
C ALA B 191 -11.01 -15.36 0.73
N ALA B 192 -10.49 -16.50 0.28
CA ALA B 192 -11.32 -17.60 -0.18
C ALA B 192 -10.73 -18.91 0.33
N ASP B 193 -11.59 -19.88 0.57
CA ASP B 193 -11.09 -21.18 1.02
C ASP B 193 -11.53 -22.32 0.11
N GLU B 194 -10.97 -23.51 0.31
CA GLU B 194 -11.30 -24.66 -0.52
C GLU B 194 -12.78 -25.00 -0.53
N GLN B 195 -13.45 -24.80 0.60
CA GLN B 195 -14.88 -25.12 0.72
C GLN B 195 -15.79 -24.16 -0.05
N GLY B 196 -15.22 -23.09 -0.58
CA GLY B 196 -15.96 -22.17 -1.45
C GLY B 196 -16.54 -20.95 -0.75
N ASN B 197 -15.96 -20.59 0.40
CA ASN B 197 -16.34 -19.37 1.09
C ASN B 197 -15.53 -18.19 0.58
N ALA B 198 -16.20 -17.06 0.34
CA ALA B 198 -15.54 -15.81 -0.03
C ALA B 198 -15.79 -14.77 1.06
N LEU B 199 -14.69 -14.22 1.59
CA LEU B 199 -14.74 -13.33 2.75
C LEU B 199 -14.17 -11.95 2.45
N TYR B 200 -14.91 -10.92 2.86
CA TYR B 200 -14.39 -9.56 2.92
C TYR B 200 -14.49 -9.05 4.36
N MET B 201 -13.40 -8.44 4.84
CA MET B 201 -13.35 -7.82 6.16
C MET B 201 -12.70 -6.45 6.06
N ASN B 202 -13.42 -5.45 6.52
CA ASN B 202 -12.91 -4.11 6.75
C ASN B 202 -12.49 -4.13 8.22
N GLN B 203 -11.64 -5.09 8.59
CA GLN B 203 -11.27 -5.30 9.99
C GLN B 203 -9.88 -4.81 10.29
N SER B 204 -9.82 -3.55 10.73
CA SER B 204 -8.57 -2.92 11.02
C SER B 204 -8.72 -2.10 12.29
N VAL B 205 -7.70 -1.30 12.59
CA VAL B 205 -7.63 -0.48 13.79
C VAL B 205 -8.14 0.92 13.45
N VAL B 206 -9.33 1.24 13.97
CA VAL B 206 -10.08 2.46 13.60
C VAL B 206 -10.55 3.18 14.87
N PRO B 207 -10.20 4.47 15.01
CA PRO B 207 -10.65 5.28 16.15
C PRO B 207 -12.15 5.14 16.32
N TYR B 208 -12.61 4.99 17.56
CA TYR B 208 -14.02 4.77 17.84
C TYR B 208 -14.64 5.98 18.51
N LEU B 209 -15.74 6.47 17.96
CA LEU B 209 -16.58 7.45 18.65
C LEU B 209 -17.99 6.93 18.60
N LYS B 210 -18.66 6.92 19.75
CA LYS B 210 -20.06 6.55 19.81
C LYS B 210 -20.87 7.47 18.87
N PRO B 211 -21.87 6.90 18.18
CA PRO B 211 -22.72 7.62 17.22
C PRO B 211 -23.19 9.01 17.69
N GLU B 212 -23.65 9.10 18.94
CA GLU B 212 -24.20 10.35 19.50
C GLU B 212 -23.19 11.50 19.56
N LEU B 213 -21.90 11.18 19.54
CA LEU B 213 -20.85 12.18 19.73
C LEU B 213 -20.41 12.85 18.44
N ILE B 214 -20.64 12.18 17.31
CA ILE B 214 -20.12 12.62 16.02
C ILE B 214 -20.61 14.03 15.59
N PRO B 215 -21.92 14.32 15.68
CA PRO B 215 -22.39 15.65 15.27
C PRO B 215 -21.69 16.82 15.96
N ALA B 216 -21.43 16.72 17.25
CA ALA B 216 -20.79 17.83 17.94
C ALA B 216 -19.27 17.70 18.00
N CYS B 217 -18.75 16.49 17.83
CA CYS B 217 -17.30 16.30 17.94
C CYS B 217 -16.54 16.50 16.63
N ALA B 218 -17.23 16.41 15.49
CA ALA B 218 -16.55 16.58 14.20
C ALA B 218 -16.28 18.07 13.92
N ILE B 219 -15.21 18.38 13.20
CA ILE B 219 -15.04 19.73 12.66
C ILE B 219 -15.71 19.73 11.27
N PRO B 220 -16.90 20.33 11.14
CA PRO B 220 -17.72 20.15 9.94
C PRO B 220 -16.99 20.43 8.62
N GLN B 221 -16.34 21.58 8.52
CA GLN B 221 -15.61 21.98 7.31
C GLN B 221 -14.48 21.02 6.92
N LEU B 222 -13.80 20.45 7.91
CA LEU B 222 -12.69 19.55 7.65
C LEU B 222 -13.17 18.13 7.32
N VAL B 223 -14.20 17.68 8.01
CA VAL B 223 -14.79 16.37 7.72
C VAL B 223 -15.38 16.37 6.31
N ALA B 224 -16.03 17.47 5.94
CA ALA B 224 -16.54 17.65 4.58
C ALA B 224 -15.45 17.44 3.54
N GLU B 225 -14.21 17.72 3.91
CA GLU B 225 -13.05 17.59 3.01
C GLU B 225 -12.34 16.26 3.18
N GLY B 226 -12.95 15.33 3.91
CA GLY B 226 -12.40 13.99 4.09
C GLY B 226 -11.33 13.82 5.15
N LEU B 227 -11.13 14.84 5.98
CA LEU B 227 -10.17 14.73 7.08
C LEU B 227 -10.88 14.35 8.38
N PRO B 228 -10.37 13.32 9.08
CA PRO B 228 -10.99 12.89 10.35
C PRO B 228 -10.64 13.86 11.49
N ALA B 229 -11.36 14.98 11.55
CA ALA B 229 -10.97 16.06 12.44
C ALA B 229 -12.00 16.18 13.56
N LEU B 230 -11.52 16.27 14.79
CA LEU B 230 -12.39 16.36 15.97
C LEU B 230 -12.09 17.58 16.83
N GLN B 231 -13.06 17.93 17.69
CA GLN B 231 -12.92 19.05 18.59
C GLN B 231 -12.04 18.66 19.78
N GLY B 232 -10.82 19.20 19.83
CA GLY B 232 -9.87 18.87 20.90
C GLY B 232 -9.98 19.68 22.17
N GLN B 233 -10.98 20.55 22.26
CA GLN B 233 -11.20 21.37 23.46
C GLN B 233 -12.30 20.82 24.38
N ASP B 234 -12.83 19.64 24.04
CA ASP B 234 -13.94 19.02 24.78
C ASP B 234 -13.48 17.61 25.12
N SER B 235 -13.41 17.29 26.41
CA SER B 235 -12.98 15.95 26.84
C SER B 235 -13.92 14.83 26.34
N ARG B 236 -15.17 15.20 26.04
CA ARG B 236 -16.18 14.24 25.59
C ARG B 236 -15.89 13.74 24.18
N CYS B 237 -14.93 14.37 23.50
CA CYS B 237 -14.56 14.00 22.15
C CYS B 237 -13.32 13.10 22.10
N ALA B 238 -12.88 12.63 23.26
CA ALA B 238 -11.86 11.56 23.33
C ALA B 238 -12.48 10.33 22.69
N TRP B 239 -11.64 9.48 22.10
CA TRP B 239 -12.14 8.23 21.53
C TRP B 239 -12.85 7.43 22.62
N SER B 240 -13.98 6.83 22.26
CA SER B 240 -14.83 6.12 23.21
C SER B 240 -14.18 4.80 23.60
N ARG B 241 -14.39 4.37 24.84
CA ARG B 241 -13.87 3.10 25.31
C ARG B 241 -14.99 2.07 25.26
N ASP B 242 -14.72 0.91 24.68
CA ASP B 242 -15.66 -0.18 24.68
C ASP B 242 -14.88 -1.41 25.11
N PRO B 243 -15.36 -2.11 26.17
CA PRO B 243 -14.67 -3.29 26.71
C PRO B 243 -14.39 -4.37 25.67
N ALA B 244 -15.21 -4.42 24.62
CA ALA B 244 -15.08 -5.46 23.59
C ALA B 244 -13.93 -5.20 22.62
N ALA B 245 -13.43 -3.97 22.58
CA ALA B 245 -12.32 -3.65 21.68
C ALA B 245 -11.00 -4.20 22.22
N ALA B 246 -10.15 -4.70 21.31
CA ALA B 246 -8.84 -5.25 21.69
C ALA B 246 -7.87 -4.18 22.20
N GLN B 247 -8.18 -2.92 21.95
CA GLN B 247 -7.32 -1.82 22.30
C GLN B 247 -8.23 -0.65 22.67
N ALA B 248 -7.88 0.06 23.75
CA ALA B 248 -8.75 1.12 24.25
C ALA B 248 -8.87 2.28 23.25
N GLY B 249 -10.11 2.63 22.91
CA GLY B 249 -10.36 3.72 21.98
C GLY B 249 -10.53 3.30 20.53
N ILE B 250 -10.39 2.01 20.22
CA ILE B 250 -10.62 1.56 18.83
C ILE B 250 -11.99 0.92 18.69
N THR B 251 -12.44 0.80 17.45
CA THR B 251 -13.77 0.28 17.16
C THR B 251 -13.78 -1.25 17.38
N PRO B 252 -14.74 -1.75 18.18
CA PRO B 252 -14.90 -3.21 18.38
C PRO B 252 -15.19 -3.90 17.06
N ALA B 253 -14.72 -5.13 16.92
CA ALA B 253 -14.85 -5.90 15.67
C ALA B 253 -16.29 -6.08 15.18
N ALA B 254 -17.23 -6.21 16.12
CA ALA B 254 -18.66 -6.37 15.77
C ALA B 254 -19.22 -5.18 14.98
N GLN B 255 -18.54 -4.04 15.06
CA GLN B 255 -19.04 -2.82 14.43
C GLN B 255 -18.31 -2.48 13.13
N LEU B 256 -17.45 -3.39 12.68
CA LEU B 256 -16.71 -3.20 11.44
C LEU B 256 -17.28 -4.08 10.32
N PRO B 257 -17.30 -3.57 9.08
CA PRO B 257 -17.93 -4.33 8.00
C PRO B 257 -17.28 -5.70 7.74
N VAL B 258 -18.13 -6.73 7.61
CA VAL B 258 -17.72 -8.06 7.20
C VAL B 258 -18.78 -8.60 6.23
N LEU B 259 -18.33 -9.17 5.12
CA LEU B 259 -19.25 -9.86 4.22
C LEU B 259 -18.75 -11.28 3.94
N LEU B 260 -19.60 -12.26 4.25
CA LEU B 260 -19.26 -13.65 4.02
C LEU B 260 -20.26 -14.21 3.04
N ARG B 261 -19.80 -14.56 1.85
CA ARG B 261 -20.69 -15.02 0.81
C ARG B 261 -20.13 -16.21 0.06
N ARG B 262 -20.95 -16.78 -0.80
CA ARG B 262 -20.53 -17.91 -1.62
C ARG B 262 -20.47 -17.58 -3.11
N ASP B 263 -20.77 -16.34 -3.48
CA ASP B 263 -20.61 -15.90 -4.87
C ASP B 263 -19.28 -15.15 -5.12
N PHE B 264 -19.20 -13.88 -4.72
CA PHE B 264 -17.93 -13.17 -4.77
C PHE B 264 -17.91 -11.99 -3.80
N VAL B 265 -16.70 -11.54 -3.50
CA VAL B 265 -16.47 -10.23 -2.90
C VAL B 265 -15.30 -9.60 -3.66
N GLN B 266 -15.31 -8.28 -3.76
CA GLN B 266 -14.20 -7.57 -4.37
C GLN B 266 -13.92 -6.27 -3.64
N ASN B 267 -12.70 -5.76 -3.83
CA ASN B 267 -12.37 -4.41 -3.40
C ASN B 267 -11.23 -3.86 -4.22
N SER B 268 -11.37 -2.61 -4.63
CA SER B 268 -10.31 -1.84 -5.27
C SER B 268 -10.10 -0.48 -4.60
N ASN B 269 -9.91 -0.50 -3.27
CA ASN B 269 -9.63 0.69 -2.44
C ASN B 269 -10.79 1.63 -2.18
N ASP B 270 -12.00 1.26 -2.59
CA ASP B 270 -13.19 2.02 -2.20
C ASP B 270 -13.65 1.50 -0.84
N SER B 271 -14.74 2.07 -0.32
CA SER B 271 -15.26 1.63 0.98
C SER B 271 -15.88 0.24 0.89
N ALA B 272 -16.30 -0.26 2.05
CA ALA B 272 -16.99 -1.55 2.11
C ALA B 272 -18.28 -1.58 1.31
N TRP B 273 -18.86 -0.40 1.04
CA TRP B 273 -20.23 -0.31 0.53
C TRP B 273 -20.60 -1.33 -0.56
N LEU B 274 -19.89 -1.31 -1.69
CA LEU B 274 -20.27 -2.13 -2.83
C LEU B 274 -19.34 -3.34 -3.07
N THR B 275 -18.80 -3.87 -1.98
CA THR B 275 -18.02 -5.12 -1.98
C THR B 275 -18.74 -6.20 -2.82
N ASN B 276 -20.04 -6.37 -2.56
CA ASN B 276 -20.94 -7.07 -3.46
C ASN B 276 -22.28 -6.32 -3.48
N PRO B 277 -22.62 -5.73 -4.64
CA PRO B 277 -23.82 -4.89 -4.79
C PRO B 277 -25.14 -5.59 -4.45
N ALA B 278 -25.15 -6.92 -4.47
CA ALA B 278 -26.33 -7.68 -4.08
C ALA B 278 -26.56 -7.61 -2.57
N SER B 279 -25.52 -7.22 -1.83
CA SER B 279 -25.58 -7.09 -0.37
C SER B 279 -24.80 -5.86 0.10
N PRO B 280 -25.32 -4.65 -0.18
CA PRO B 280 -24.57 -3.44 0.16
C PRO B 280 -24.26 -3.33 1.66
N LEU B 281 -23.07 -2.85 1.98
CA LEU B 281 -22.67 -2.68 3.37
C LEU B 281 -22.87 -1.21 3.76
N GLN B 282 -23.80 -0.99 4.68
CA GLN B 282 -24.29 0.35 5.01
C GLN B 282 -24.48 0.51 6.52
N GLY B 283 -24.61 1.75 6.97
CA GLY B 283 -24.95 2.06 8.36
C GLY B 283 -23.78 2.04 9.33
N PHE B 284 -22.56 2.17 8.81
CA PHE B 284 -21.35 2.23 9.63
C PHE B 284 -20.96 3.66 9.94
N SER B 285 -20.09 3.82 10.94
CA SER B 285 -19.55 5.13 11.29
C SER B 285 -18.85 5.76 10.08
N PRO B 286 -18.93 7.10 9.96
CA PRO B 286 -18.21 7.81 8.89
C PRO B 286 -16.69 7.60 8.94
N LEU B 287 -16.15 7.28 10.12
CA LEU B 287 -14.73 6.95 10.27
C LEU B 287 -14.40 5.58 9.68
N VAL B 288 -15.44 4.79 9.46
CA VAL B 288 -15.28 3.39 9.07
C VAL B 288 -15.52 3.18 7.57
N SER B 289 -16.72 3.53 7.11
CA SER B 289 -17.13 3.27 5.72
C SER B 289 -18.28 4.18 5.35
N GLN B 290 -18.17 4.81 4.19
CA GLN B 290 -19.19 5.70 3.66
C GLN B 290 -19.64 5.26 2.28
N GLU B 291 -20.86 5.62 1.92
CA GLU B 291 -21.40 5.28 0.61
C GLU B 291 -20.96 6.31 -0.42
N LYS B 292 -19.69 6.23 -0.83
CA LYS B 292 -19.11 7.16 -1.82
C LYS B 292 -19.03 6.52 -3.21
N PRO B 293 -19.06 7.34 -4.28
CA PRO B 293 -18.97 6.76 -5.63
C PRO B 293 -17.72 5.89 -5.75
N ILE B 294 -17.86 4.71 -6.35
CA ILE B 294 -16.71 3.83 -6.51
C ILE B 294 -15.79 4.30 -7.65
N GLY B 295 -14.51 4.00 -7.50
CA GLY B 295 -13.50 4.29 -8.52
C GLY B 295 -13.67 3.40 -9.74
N PRO B 296 -12.99 3.75 -10.85
CA PRO B 296 -13.21 3.01 -12.10
C PRO B 296 -12.67 1.56 -12.05
N ARG B 297 -11.65 1.29 -11.23
CA ARG B 297 -11.17 -0.09 -11.09
C ARG B 297 -12.26 -1.01 -10.54
N ALA B 298 -12.92 -0.59 -9.46
CA ALA B 298 -14.02 -1.37 -8.89
C ALA B 298 -15.20 -1.49 -9.85
N ARG B 299 -15.52 -0.39 -10.53
CA ARG B 299 -16.62 -0.37 -11.50
C ARG B 299 -16.32 -1.34 -12.63
N TYR B 300 -15.07 -1.37 -13.09
CA TYR B 300 -14.62 -2.37 -14.05
C TYR B 300 -14.80 -3.81 -13.53
N ALA B 301 -14.31 -4.09 -12.32
CA ALA B 301 -14.38 -5.42 -11.75
C ALA B 301 -15.83 -5.90 -11.67
N LEU B 302 -16.69 -5.05 -11.12
CA LEU B 302 -18.10 -5.38 -10.98
C LEU B 302 -18.76 -5.63 -12.33
N SER B 303 -18.33 -4.91 -13.37
CA SER B 303 -18.90 -5.11 -14.72
C SER B 303 -18.55 -6.51 -15.25
N ARG B 304 -17.44 -7.07 -14.78
CA ARG B 304 -17.02 -8.43 -15.18
C ARG B 304 -17.56 -9.51 -14.26
N LEU B 305 -17.82 -9.16 -13.00
CA LEU B 305 -18.16 -10.15 -11.97
C LEU B 305 -19.64 -10.43 -11.84
N GLN B 306 -20.46 -9.42 -12.05
CA GLN B 306 -21.91 -9.58 -11.89
C GLN B 306 -22.53 -10.44 -12.98
N GLY B 307 -23.59 -11.15 -12.62
CA GLY B 307 -24.23 -12.06 -13.56
C GLY B 307 -24.22 -13.49 -13.06
N LYS B 308 -24.39 -14.42 -13.99
CA LYS B 308 -24.66 -15.81 -13.64
C LYS B 308 -23.56 -16.75 -14.11
N GLN B 309 -22.67 -16.24 -14.94
CA GLN B 309 -21.68 -17.10 -15.59
C GLN B 309 -20.57 -17.50 -14.62
N PRO B 310 -20.15 -18.78 -14.66
CA PRO B 310 -19.07 -19.26 -13.81
C PRO B 310 -17.76 -18.53 -14.08
N LEU B 311 -17.01 -18.26 -13.03
CA LEU B 311 -15.75 -17.57 -13.15
C LEU B 311 -14.61 -18.58 -13.10
N GLU B 312 -13.77 -18.56 -14.14
CA GLU B 312 -12.59 -19.40 -14.21
C GLU B 312 -11.37 -18.63 -13.75
N ALA B 313 -10.31 -19.36 -13.36
CA ALA B 313 -9.03 -18.75 -13.04
C ALA B 313 -8.58 -17.82 -14.17
N LYS B 314 -8.72 -18.31 -15.40
CA LYS B 314 -8.34 -17.57 -16.60
C LYS B 314 -9.06 -16.22 -16.67
N THR B 315 -10.33 -16.21 -16.31
CA THR B 315 -11.12 -14.97 -16.28
C THR B 315 -10.48 -13.92 -15.38
N LEU B 316 -10.12 -14.32 -14.15
CA LEU B 316 -9.52 -13.39 -13.20
C LEU B 316 -8.14 -12.94 -13.66
N GLU B 317 -7.36 -13.88 -14.23
CA GLU B 317 -6.04 -13.51 -14.75
C GLU B 317 -6.16 -12.44 -15.83
N GLU B 318 -7.07 -12.67 -16.77
CA GLU B 318 -7.26 -11.77 -17.90
C GLU B 318 -7.85 -10.41 -17.55
N MET B 319 -8.54 -10.31 -16.41
CA MET B 319 -8.96 -9.01 -15.91
C MET B 319 -7.75 -8.12 -15.60
N VAL B 320 -6.63 -8.76 -15.23
CA VAL B 320 -5.38 -8.02 -15.02
C VAL B 320 -4.64 -7.83 -16.37
N THR B 321 -4.45 -8.92 -17.11
CA THR B 321 -3.58 -8.89 -18.28
C THR B 321 -4.19 -8.22 -19.53
N ALA B 322 -5.50 -7.99 -19.51
CA ALA B 322 -6.15 -7.26 -20.62
C ALA B 322 -5.67 -5.81 -20.72
N ASN B 323 -5.25 -5.24 -19.59
CA ASN B 323 -4.85 -3.84 -19.52
C ASN B 323 -5.91 -2.90 -20.11
N HIS B 324 -7.18 -3.19 -19.82
CA HIS B 324 -8.27 -2.37 -20.35
C HIS B 324 -8.36 -1.05 -19.60
N VAL B 325 -8.38 0.05 -20.35
CA VAL B 325 -8.49 1.38 -19.76
C VAL B 325 -9.98 1.69 -19.60
N PHE B 326 -10.55 1.23 -18.50
CA PHE B 326 -12.00 1.23 -18.32
C PHE B 326 -12.63 2.63 -18.33
N SER B 327 -11.88 3.65 -17.93
CA SER B 327 -12.39 5.03 -17.96
C SER B 327 -12.72 5.49 -19.38
N ALA B 328 -12.06 4.89 -20.37
CA ALA B 328 -12.37 5.18 -21.78
C ALA B 328 -13.82 4.82 -22.12
N ASP B 329 -14.35 3.76 -21.50
CA ASP B 329 -15.75 3.34 -21.73
C ASP B 329 -16.76 4.45 -21.41
N GLN B 330 -16.46 5.28 -20.42
CA GLN B 330 -17.38 6.34 -20.01
C GLN B 330 -17.26 7.61 -20.85
N VAL B 331 -16.10 7.79 -21.46
CA VAL B 331 -15.74 9.09 -22.04
C VAL B 331 -15.43 9.02 -23.53
N LEU B 332 -14.74 7.98 -23.97
CA LEU B 332 -14.19 7.93 -25.33
C LEU B 332 -15.24 7.89 -26.46
N PRO B 333 -16.38 7.18 -26.26
CA PRO B 333 -17.38 7.23 -27.33
C PRO B 333 -17.80 8.67 -27.68
N ASP B 334 -18.13 9.48 -26.67
CA ASP B 334 -18.54 10.87 -26.91
C ASP B 334 -17.38 11.74 -27.39
N LEU B 335 -16.19 11.47 -26.88
CA LEU B 335 -14.99 12.18 -27.34
C LEU B 335 -14.78 11.98 -28.85
N LEU B 336 -14.97 10.74 -29.31
CA LEU B 336 -14.84 10.45 -30.74
C LEU B 336 -15.93 11.13 -31.56
N ARG B 337 -17.13 11.29 -30.97
CA ARG B 337 -18.22 12.02 -31.62
C ARG B 337 -17.84 13.48 -31.81
N LEU B 338 -17.31 14.08 -30.77
CA LEU B 338 -16.79 15.45 -30.85
C LEU B 338 -15.70 15.56 -31.92
N CYS B 339 -14.81 14.57 -31.95
CA CYS B 339 -13.76 14.49 -32.98
C CYS B 339 -14.31 14.53 -34.40
N ARG B 340 -15.30 13.70 -34.69
CA ARG B 340 -15.95 13.65 -36.01
C ARG B 340 -16.68 14.96 -36.32
N ASP B 341 -17.18 15.62 -35.28
CA ASP B 341 -17.86 16.91 -35.40
C ASP B 341 -16.90 18.06 -35.72
N ASN B 342 -15.60 17.83 -35.58
CA ASN B 342 -14.61 18.88 -35.72
C ASN B 342 -13.48 18.53 -36.67
N GLN B 343 -13.80 17.72 -37.70
CA GLN B 343 -12.78 17.21 -38.61
C GLN B 343 -12.02 18.31 -39.35
N GLY B 344 -12.66 19.47 -39.48
CA GLY B 344 -12.03 20.63 -40.10
C GLY B 344 -10.92 21.28 -39.27
N GLU B 345 -10.81 20.90 -37.99
CA GLU B 345 -9.85 21.57 -37.11
C GLU B 345 -8.51 20.89 -36.96
N LYS B 346 -7.48 21.59 -37.44
CA LYS B 346 -6.12 21.04 -37.54
C LYS B 346 -5.46 20.83 -36.17
N SER B 347 -5.89 21.58 -35.16
CA SER B 347 -5.38 21.43 -33.80
C SER B 347 -5.87 20.13 -33.14
N LEU B 348 -6.85 19.48 -33.74
CA LEU B 348 -7.43 18.25 -33.18
C LEU B 348 -7.10 17.01 -34.00
N ALA B 349 -6.63 17.21 -35.23
CA ALA B 349 -6.40 16.10 -36.17
C ALA B 349 -5.58 14.94 -35.60
N ARG B 350 -4.36 15.24 -35.13
CA ARG B 350 -3.46 14.21 -34.60
C ARG B 350 -4.05 13.48 -33.39
N ALA B 351 -4.60 14.24 -32.45
CA ALA B 351 -5.25 13.70 -31.26
C ALA B 351 -6.42 12.79 -31.61
N CYS B 352 -7.31 13.28 -32.46
CA CYS B 352 -8.50 12.52 -32.88
C CYS B 352 -8.15 11.24 -33.65
N ALA B 353 -7.15 11.31 -34.53
CA ALA B 353 -6.66 10.13 -35.23
C ALA B 353 -6.12 9.08 -34.26
N ALA B 354 -5.25 9.52 -33.35
CA ALA B 354 -4.63 8.63 -32.37
C ALA B 354 -5.69 7.95 -31.51
N LEU B 355 -6.67 8.72 -31.05
CA LEU B 355 -7.77 8.23 -30.22
C LEU B 355 -8.66 7.24 -30.97
N ALA B 356 -8.91 7.50 -32.25
CA ALA B 356 -9.70 6.61 -33.09
C ALA B 356 -9.01 5.27 -33.37
N GLN B 357 -7.69 5.29 -33.45
CA GLN B 357 -6.91 4.08 -33.76
C GLN B 357 -6.56 3.27 -32.52
N TRP B 358 -6.89 3.83 -31.36
CA TRP B 358 -6.47 3.26 -30.09
C TRP B 358 -7.31 2.04 -29.70
N ASP B 359 -6.64 1.01 -29.22
CA ASP B 359 -7.29 -0.22 -28.77
C ASP B 359 -7.90 -0.12 -27.36
N ARG B 360 -7.92 1.10 -26.79
CA ARG B 360 -8.47 1.35 -25.45
C ARG B 360 -7.70 0.61 -24.34
N GLY B 361 -6.46 0.25 -24.63
CA GLY B 361 -5.64 -0.50 -23.70
C GLY B 361 -4.37 0.19 -23.25
N ALA B 362 -3.75 -0.39 -22.23
CA ALA B 362 -2.44 0.03 -21.74
C ALA B 362 -1.44 -1.11 -21.96
N ASN B 363 -1.59 -1.81 -23.09
CA ASN B 363 -0.67 -2.86 -23.51
C ASN B 363 0.63 -2.27 -24.02
N LEU B 364 1.66 -3.11 -24.14
CA LEU B 364 2.92 -2.68 -24.74
C LEU B 364 2.72 -2.11 -26.14
N ASP B 365 1.82 -2.71 -26.90
N ASP B 365 1.82 -2.72 -26.91
CA ASP B 365 1.57 -2.29 -28.29
CA ASP B 365 1.58 -2.29 -28.29
C ASP B 365 0.46 -1.25 -28.46
C ASP B 365 0.44 -1.27 -28.45
N SER B 366 -0.17 -0.85 -27.35
CA SER B 366 -1.22 0.17 -27.41
C SER B 366 -0.67 1.47 -28.01
N GLY B 367 -1.44 2.08 -28.90
CA GLY B 367 -1.00 3.30 -29.58
C GLY B 367 -0.99 4.53 -28.71
N SER B 368 -0.44 5.62 -29.26
CA SER B 368 -0.34 6.92 -28.59
C SER B 368 -1.68 7.51 -28.12
N GLY B 369 -2.78 6.98 -28.63
CA GLY B 369 -4.11 7.33 -28.14
C GLY B 369 -4.25 7.28 -26.62
N PHE B 370 -3.58 6.32 -25.97
CA PHE B 370 -3.59 6.24 -24.50
C PHE B 370 -3.01 7.50 -23.87
N VAL B 371 -1.91 7.99 -24.44
CA VAL B 371 -1.23 9.19 -23.93
C VAL B 371 -2.14 10.41 -24.10
N TYR B 372 -2.76 10.54 -25.28
CA TYR B 372 -3.71 11.62 -25.52
C TYR B 372 -4.90 11.54 -24.56
N PHE B 373 -5.40 10.33 -24.34
CA PHE B 373 -6.53 10.12 -23.44
C PHE B 373 -6.19 10.52 -22.00
N GLN B 374 -5.02 10.13 -21.54
CA GLN B 374 -4.54 10.51 -20.20
C GLN B 374 -4.52 12.02 -20.02
N ARG B 375 -3.90 12.73 -20.95
CA ARG B 375 -3.77 14.18 -20.82
C ARG B 375 -5.13 14.86 -20.93
N PHE B 376 -6.03 14.28 -21.74
CA PHE B 376 -7.39 14.80 -21.81
C PHE B 376 -8.12 14.61 -20.49
N MET B 377 -8.01 13.42 -19.91
CA MET B 377 -8.73 13.08 -18.69
C MET B 377 -8.30 13.95 -17.51
N GLN B 378 -7.02 14.29 -17.47
CA GLN B 378 -6.48 15.17 -16.44
C GLN B 378 -7.14 16.55 -16.49
N ARG B 379 -7.50 16.99 -17.69
CA ARG B 379 -8.20 18.26 -17.85
C ARG B 379 -9.72 18.10 -17.68
N PHE B 380 -10.25 17.00 -18.19
CA PHE B 380 -11.68 16.65 -18.06
C PHE B 380 -12.09 16.62 -16.60
N ALA B 381 -11.22 16.04 -15.77
CA ALA B 381 -11.40 15.98 -14.31
C ALA B 381 -11.64 17.36 -13.68
N GLU B 382 -11.12 18.41 -14.32
CA GLU B 382 -11.21 19.76 -13.77
C GLU B 382 -12.44 20.52 -14.23
N LEU B 383 -13.21 19.95 -15.16
CA LEU B 383 -14.39 20.62 -15.71
C LEU B 383 -15.62 20.42 -14.83
N ASP B 384 -16.48 21.42 -14.80
CA ASP B 384 -17.67 21.41 -13.97
C ASP B 384 -18.89 20.93 -14.75
N GLY B 385 -19.56 19.91 -14.23
CA GLY B 385 -20.82 19.39 -14.81
C GLY B 385 -20.74 18.92 -16.26
N ALA B 386 -19.63 18.26 -16.61
CA ALA B 386 -19.39 17.83 -17.99
C ALA B 386 -19.90 16.42 -18.29
N TRP B 387 -20.27 15.67 -17.24
CA TRP B 387 -20.85 14.34 -17.41
C TRP B 387 -22.27 14.45 -17.98
N LYS B 388 -22.56 13.66 -19.02
CA LYS B 388 -23.93 13.59 -19.54
C LYS B 388 -24.86 13.06 -18.45
N GLU B 389 -24.47 11.95 -17.85
CA GLU B 389 -25.16 11.40 -16.70
C GLU B 389 -24.23 11.54 -15.49
N PRO B 390 -24.57 12.42 -14.54
CA PRO B 390 -23.77 12.55 -13.32
C PRO B 390 -23.92 11.31 -12.45
N PHE B 391 -23.07 11.18 -11.42
CA PHE B 391 -23.18 10.06 -10.50
C PHE B 391 -24.58 10.00 -9.90
N ASP B 392 -25.13 8.78 -9.91
CA ASP B 392 -26.45 8.53 -9.40
C ASP B 392 -26.32 7.47 -8.30
N ALA B 393 -26.70 7.84 -7.06
CA ALA B 393 -26.66 6.92 -5.93
C ALA B 393 -27.55 5.69 -6.16
N GLN B 394 -28.61 5.88 -6.94
CA GLN B 394 -29.53 4.80 -7.31
C GLN B 394 -28.92 3.88 -8.37
N ARG B 395 -27.94 4.40 -9.10
CA ARG B 395 -27.26 3.64 -10.15
C ARG B 395 -25.73 3.73 -9.97
N PRO B 396 -25.22 3.27 -8.80
CA PRO B 396 -23.82 3.52 -8.44
C PRO B 396 -22.80 2.79 -9.32
N LEU B 397 -23.26 1.86 -10.15
CA LEU B 397 -22.38 1.04 -10.99
C LEU B 397 -22.27 1.56 -12.42
N ASP B 398 -23.27 2.33 -12.86
CA ASP B 398 -23.39 2.73 -14.27
C ASP B 398 -23.26 4.24 -14.49
N THR B 399 -22.99 4.98 -13.42
CA THR B 399 -22.79 6.42 -13.49
C THR B 399 -21.52 6.79 -12.73
N PRO B 400 -20.83 7.87 -13.16
CA PRO B 400 -21.15 8.78 -14.26
C PRO B 400 -20.84 8.20 -15.63
N GLN B 401 -21.47 8.76 -16.67
CA GLN B 401 -21.36 8.23 -18.02
C GLN B 401 -21.58 9.32 -19.07
N GLY B 402 -20.70 9.34 -20.07
CA GLY B 402 -20.87 10.20 -21.25
C GLY B 402 -20.53 11.66 -21.03
N ILE B 403 -20.36 12.38 -22.13
CA ILE B 403 -20.07 13.81 -22.09
C ILE B 403 -21.34 14.59 -22.44
N ALA B 404 -21.62 15.63 -21.66
CA ALA B 404 -22.81 16.46 -21.87
C ALA B 404 -22.64 17.39 -23.06
N LEU B 405 -22.36 16.80 -24.23
CA LEU B 405 -22.17 17.54 -25.47
C LEU B 405 -23.41 18.35 -25.85
N ASP B 406 -24.56 17.96 -25.31
CA ASP B 406 -25.81 18.73 -25.35
C ASP B 406 -25.56 20.21 -25.08
N ARG B 407 -24.84 20.47 -24.00
CA ARG B 407 -24.60 21.82 -23.51
C ARG B 407 -23.49 22.49 -24.31
N PRO B 408 -23.80 23.65 -24.94
CA PRO B 408 -22.80 24.41 -25.68
C PRO B 408 -21.58 24.77 -24.83
N GLN B 409 -21.81 25.06 -23.55
CA GLN B 409 -20.73 25.40 -22.64
C GLN B 409 -19.78 24.22 -22.43
N VAL B 410 -20.34 23.04 -22.20
CA VAL B 410 -19.55 21.82 -22.01
C VAL B 410 -18.80 21.46 -23.29
N ALA B 411 -19.50 21.46 -24.43
CA ALA B 411 -18.88 21.17 -25.72
C ALA B 411 -17.64 22.04 -25.98
N THR B 412 -17.78 23.33 -25.75
CA THR B 412 -16.67 24.28 -25.86
C THR B 412 -15.49 23.90 -24.97
N GLN B 413 -15.77 23.68 -23.69
CA GLN B 413 -14.74 23.37 -22.70
C GLN B 413 -14.06 22.03 -22.94
N VAL B 414 -14.83 21.06 -23.43
CA VAL B 414 -14.29 19.72 -23.70
C VAL B 414 -13.39 19.78 -24.94
N ARG B 415 -13.82 20.53 -25.95
CA ARG B 415 -13.01 20.72 -27.15
C ARG B 415 -11.71 21.42 -26.79
N GLN B 416 -11.81 22.50 -26.01
CA GLN B 416 -10.64 23.20 -25.50
C GLN B 416 -9.71 22.27 -24.71
N ALA B 417 -10.28 21.46 -23.82
CA ALA B 417 -9.52 20.45 -23.07
C ALA B 417 -8.75 19.50 -23.97
N LEU B 418 -9.39 19.05 -25.05
CA LEU B 418 -8.73 18.15 -26.00
C LEU B 418 -7.64 18.88 -26.77
N ALA B 419 -7.91 20.13 -27.17
CA ALA B 419 -6.93 20.97 -27.83
C ALA B 419 -5.69 21.17 -26.96
N ASP B 420 -5.91 21.48 -25.68
CA ASP B 420 -4.83 21.68 -24.71
C ASP B 420 -4.05 20.40 -24.46
N ALA B 421 -4.75 19.28 -24.30
CA ALA B 421 -4.13 17.98 -24.13
C ALA B 421 -3.25 17.61 -25.33
N ALA B 422 -3.78 17.84 -26.53
CA ALA B 422 -3.05 17.57 -27.78
C ALA B 422 -1.76 18.39 -27.85
N ALA B 423 -1.85 19.66 -27.52
CA ALA B 423 -0.69 20.56 -27.48
C ALA B 423 0.40 20.07 -26.51
N GLU B 424 -0.01 19.60 -25.33
CA GLU B 424 0.92 19.07 -24.33
C GLU B 424 1.65 17.82 -24.84
N VAL B 425 0.89 16.88 -25.41
CA VAL B 425 1.46 15.66 -25.98
C VAL B 425 2.46 15.99 -27.09
N GLU B 426 2.08 16.91 -27.96
CA GLU B 426 2.92 17.27 -29.09
C GLU B 426 4.13 18.14 -28.69
N LYS B 427 4.02 18.85 -27.57
CA LYS B 427 5.13 19.62 -27.03
C LYS B 427 6.21 18.67 -26.50
N SER B 428 5.79 17.51 -26.01
CA SER B 428 6.72 16.45 -25.57
C SER B 428 7.49 15.86 -26.75
N GLY B 429 8.47 15.02 -26.45
CA GLY B 429 9.31 14.39 -27.48
C GLY B 429 8.56 13.40 -28.35
N ILE B 430 7.82 12.51 -27.70
CA ILE B 430 7.10 11.39 -28.31
C ILE B 430 6.56 11.63 -29.74
N PRO B 431 7.07 10.86 -30.73
CA PRO B 431 6.41 10.82 -32.05
C PRO B 431 5.12 10.00 -31.96
N ASP B 432 4.18 10.24 -32.88
CA ASP B 432 2.89 9.54 -32.83
C ASP B 432 2.98 8.04 -33.13
N GLY B 433 4.02 7.63 -33.86
CA GLY B 433 4.30 6.20 -34.11
C GLY B 433 4.69 5.39 -32.87
N ALA B 434 5.12 6.07 -31.82
CA ALA B 434 5.55 5.40 -30.59
C ALA B 434 4.37 4.73 -29.88
N ARG B 435 4.63 3.55 -29.32
CA ARG B 435 3.60 2.80 -28.61
C ARG B 435 3.82 2.91 -27.10
N TRP B 436 2.80 2.57 -26.31
CA TRP B 436 2.85 2.76 -24.86
C TRP B 436 4.10 2.11 -24.23
N GLY B 437 4.40 0.89 -24.67
CA GLY B 437 5.58 0.16 -24.19
C GLY B 437 6.92 0.76 -24.58
N ASP B 438 6.93 1.65 -25.58
CA ASP B 438 8.14 2.42 -25.90
C ASP B 438 8.38 3.51 -24.86
N LEU B 439 7.34 3.86 -24.10
CA LEU B 439 7.41 4.97 -23.15
C LEU B 439 7.56 4.52 -21.70
N GLN B 440 6.72 3.58 -21.27
CA GLN B 440 6.71 3.16 -19.88
C GLN B 440 7.65 1.97 -19.66
N VAL B 441 8.63 2.17 -18.79
CA VAL B 441 9.69 1.18 -18.61
C VAL B 441 10.07 1.04 -17.13
N SER B 442 10.76 -0.06 -16.83
CA SER B 442 11.50 -0.16 -15.58
C SER B 442 12.97 -0.37 -15.89
N THR B 443 13.81 0.50 -15.35
CA THR B 443 15.24 0.44 -15.62
C THR B 443 15.86 -0.70 -14.81
N ARG B 444 16.75 -1.44 -15.45
CA ARG B 444 17.50 -2.52 -14.81
C ARG B 444 18.93 -2.39 -15.32
N GLY B 445 19.82 -1.92 -14.44
CA GLY B 445 21.19 -1.58 -14.82
C GLY B 445 21.18 -0.43 -15.82
N GLN B 446 21.80 -0.64 -16.97
CA GLN B 446 21.80 0.38 -18.03
C GLN B 446 20.70 0.13 -19.05
N GLU B 447 19.94 -0.93 -18.85
CA GLU B 447 18.87 -1.27 -19.78
C GLU B 447 17.48 -1.01 -19.24
N ARG B 448 16.49 -1.09 -20.13
CA ARG B 448 15.10 -0.83 -19.80
C ARG B 448 14.22 -1.98 -20.25
N ILE B 449 13.22 -2.28 -19.44
CA ILE B 449 12.22 -3.27 -19.77
C ILE B 449 10.86 -2.58 -19.88
N ALA B 450 10.20 -2.76 -21.02
CA ALA B 450 8.87 -2.20 -21.26
C ALA B 450 7.83 -2.80 -20.30
N ILE B 451 6.99 -1.95 -19.71
CA ILE B 451 6.05 -2.40 -18.68
C ILE B 451 4.61 -2.07 -19.07
N PRO B 452 3.75 -3.10 -19.16
CA PRO B 452 2.33 -2.86 -19.47
C PRO B 452 1.54 -2.43 -18.23
N GLY B 453 0.42 -1.77 -18.45
CA GLY B 453 -0.37 -1.21 -17.38
C GLY B 453 -0.42 0.30 -17.40
N GLY B 454 -1.33 0.86 -16.62
CA GLY B 454 -1.49 2.30 -16.58
C GLY B 454 -2.13 2.69 -15.27
N ASP B 455 -2.25 3.99 -15.05
CA ASP B 455 -2.70 4.47 -13.75
C ASP B 455 -4.10 3.96 -13.37
N GLY B 456 -4.23 3.57 -12.11
CA GLY B 456 -5.50 3.09 -11.57
C GLY B 456 -6.64 4.08 -11.72
N HIS B 457 -6.31 5.37 -11.67
CA HIS B 457 -7.31 6.43 -11.83
C HIS B 457 -7.94 6.45 -13.23
N PHE B 458 -7.32 5.79 -14.21
CA PHE B 458 -7.92 5.63 -15.54
C PHE B 458 -8.67 4.30 -15.70
N GLY B 459 -8.82 3.58 -14.59
CA GLY B 459 -9.56 2.32 -14.57
C GLY B 459 -8.81 1.14 -15.14
N VAL B 460 -7.48 1.21 -15.15
CA VAL B 460 -6.67 0.05 -15.55
C VAL B 460 -6.53 -0.84 -14.32
N TYR B 461 -7.06 -2.07 -14.41
CA TYR B 461 -7.03 -2.99 -13.26
C TYR B 461 -5.57 -3.29 -12.91
N ASN B 462 -4.76 -3.52 -13.94
CA ASN B 462 -3.31 -3.64 -13.80
C ASN B 462 -2.70 -2.25 -13.63
N ALA B 463 -2.82 -1.71 -12.41
CA ALA B 463 -2.45 -0.33 -12.15
C ALA B 463 -0.94 -0.19 -12.07
N ILE B 464 -0.40 0.72 -12.87
CA ILE B 464 1.02 1.03 -12.86
C ILE B 464 1.17 2.54 -12.81
N GLN B 465 1.98 3.02 -11.87
CA GLN B 465 2.25 4.43 -11.74
C GLN B 465 3.68 4.68 -12.18
N SER B 466 3.86 5.69 -13.03
N SER B 466 3.87 5.67 -13.05
CA SER B 466 5.17 6.03 -13.55
CA SER B 466 5.19 6.01 -13.56
C SER B 466 5.42 7.53 -13.47
C SER B 466 5.42 7.51 -13.51
N VAL B 467 6.69 7.90 -13.48
CA VAL B 467 7.09 9.31 -13.51
C VAL B 467 8.11 9.54 -14.62
N ARG B 468 8.10 10.73 -15.21
CA ARG B 468 9.09 11.06 -16.23
C ARG B 468 10.48 11.10 -15.62
N LYS B 469 11.40 10.32 -16.18
CA LYS B 469 12.81 10.29 -15.75
C LYS B 469 13.67 10.02 -16.97
N GLY B 470 14.43 11.02 -17.41
CA GLY B 470 15.16 10.96 -18.67
C GLY B 470 14.19 11.06 -19.84
N ASP B 471 14.22 10.06 -20.72
CA ASP B 471 13.38 10.07 -21.93
C ASP B 471 12.15 9.16 -21.82
N HIS B 472 11.93 8.60 -20.64
CA HIS B 472 10.91 7.57 -20.46
C HIS B 472 10.06 7.81 -19.22
N LEU B 473 8.97 7.06 -19.13
CA LEU B 473 8.16 7.03 -17.93
C LEU B 473 8.65 5.84 -17.10
N GLU B 474 9.27 6.13 -15.96
CA GLU B 474 9.87 5.12 -15.10
C GLU B 474 8.86 4.62 -14.07
N VAL B 475 8.65 3.32 -14.02
CA VAL B 475 7.65 2.73 -13.11
C VAL B 475 8.09 2.96 -11.66
N VAL B 476 7.16 3.45 -10.83
CA VAL B 476 7.48 3.68 -9.41
C VAL B 476 6.69 2.74 -8.49
N GLY B 477 5.50 2.36 -8.92
CA GLY B 477 4.62 1.52 -8.10
C GLY B 477 3.49 0.93 -8.92
N GLY B 478 2.76 0.01 -8.29
CA GLY B 478 1.59 -0.60 -8.90
C GLY B 478 1.61 -2.11 -8.68
N THR B 479 1.04 -2.83 -9.63
CA THR B 479 1.08 -4.29 -9.65
C THR B 479 2.49 -4.78 -9.23
N SER B 480 2.50 -5.70 -8.26
CA SER B 480 3.72 -5.99 -7.53
C SER B 480 3.75 -7.50 -7.34
N TYR B 481 3.26 -7.99 -6.21
CA TYR B 481 3.08 -9.44 -6.04
C TYR B 481 1.72 -9.83 -6.60
N ILE B 482 1.72 -10.76 -7.56
CA ILE B 482 0.48 -11.29 -8.12
C ILE B 482 0.32 -12.73 -7.68
N GLN B 483 -0.85 -13.04 -7.14
CA GLN B 483 -1.18 -14.39 -6.68
C GLN B 483 -2.60 -14.74 -7.07
N LEU B 484 -2.75 -15.80 -7.85
CA LEU B 484 -4.05 -16.35 -8.22
C LEU B 484 -4.13 -17.78 -7.73
N VAL B 485 -5.00 -18.02 -6.75
CA VAL B 485 -5.06 -19.33 -6.10
C VAL B 485 -6.40 -20.04 -6.32
N THR B 486 -6.30 -21.31 -6.71
CA THR B 486 -7.42 -22.23 -6.76
C THR B 486 -7.07 -23.46 -5.92
N PHE B 487 -8.06 -24.33 -5.70
CA PHE B 487 -7.89 -25.48 -4.81
C PHE B 487 -8.30 -26.81 -5.45
N PRO B 488 -7.54 -27.28 -6.46
CA PRO B 488 -7.84 -28.61 -7.00
C PRO B 488 -7.47 -29.69 -6.00
N GLU B 489 -7.87 -30.92 -6.27
CA GLU B 489 -7.75 -32.03 -5.33
C GLU B 489 -6.38 -32.19 -4.70
N GLU B 490 -5.33 -32.12 -5.53
CA GLU B 490 -3.96 -32.41 -5.07
C GLU B 490 -3.37 -31.41 -4.06
N GLY B 491 -3.84 -30.16 -4.11
CA GLY B 491 -3.31 -29.13 -3.21
C GLY B 491 -3.50 -27.79 -3.87
N PRO B 492 -3.22 -26.68 -3.16
CA PRO B 492 -3.47 -25.37 -3.75
C PRO B 492 -2.65 -25.13 -5.01
N LYS B 493 -3.29 -24.58 -6.03
CA LYS B 493 -2.62 -24.22 -7.27
C LYS B 493 -2.50 -22.70 -7.27
N ALA B 494 -1.27 -22.21 -7.15
CA ALA B 494 -1.01 -20.77 -7.14
C ALA B 494 -0.21 -20.37 -8.37
N ARG B 495 -0.65 -19.28 -8.98
CA ARG B 495 -0.08 -18.76 -10.21
C ARG B 495 0.13 -17.26 -10.05
N GLY B 496 1.27 -16.77 -10.51
CA GLY B 496 1.55 -15.35 -10.43
C GLY B 496 2.97 -14.99 -10.76
N LEU B 497 3.41 -13.88 -10.17
CA LEU B 497 4.74 -13.33 -10.38
C LEU B 497 4.97 -12.26 -9.34
N LEU B 498 6.24 -11.90 -9.14
CA LEU B 498 6.59 -10.68 -8.45
C LEU B 498 7.15 -9.77 -9.54
N ALA B 499 6.38 -8.73 -9.90
CA ALA B 499 6.63 -7.96 -11.11
C ALA B 499 8.04 -7.39 -11.22
N PHE B 500 8.57 -6.91 -10.08
CA PHE B 500 9.88 -6.25 -10.06
C PHE B 500 11.04 -7.22 -9.73
N SER B 501 10.72 -8.51 -9.57
CA SER B 501 11.70 -9.56 -9.24
C SER B 501 12.11 -9.58 -7.77
N GLN B 502 12.72 -10.70 -7.34
CA GLN B 502 13.01 -10.91 -5.91
C GLN B 502 14.01 -9.92 -5.32
N SER B 503 15.03 -9.58 -6.10
CA SER B 503 16.17 -8.84 -5.57
C SER B 503 16.24 -7.45 -6.16
N SER B 504 16.43 -6.47 -5.27
CA SER B 504 16.66 -5.07 -5.66
C SER B 504 18.13 -4.81 -6.01
N ASP B 505 18.96 -5.84 -5.91
CA ASP B 505 20.39 -5.66 -6.18
C ASP B 505 20.75 -6.04 -7.62
N PRO B 506 21.35 -5.10 -8.37
CA PRO B 506 21.68 -5.34 -9.79
C PRO B 506 22.59 -6.57 -10.02
N ARG B 507 23.34 -6.95 -9.00
CA ARG B 507 24.24 -8.11 -9.12
C ARG B 507 23.50 -9.45 -9.12
N SER B 508 22.28 -9.46 -8.58
CA SER B 508 21.56 -10.71 -8.35
C SER B 508 21.06 -11.36 -9.64
N PRO B 509 21.13 -12.71 -9.70
CA PRO B 509 20.47 -13.43 -10.79
C PRO B 509 18.96 -13.19 -10.82
N HIS B 510 18.42 -12.61 -9.74
CA HIS B 510 16.97 -12.42 -9.60
C HIS B 510 16.59 -10.95 -9.51
N TYR B 511 17.36 -10.14 -10.23
CA TYR B 511 17.16 -8.69 -10.34
C TYR B 511 16.10 -8.31 -11.38
N ARG B 512 16.04 -9.06 -12.47
CA ARG B 512 15.14 -8.71 -13.58
C ARG B 512 14.46 -9.91 -14.20
N ASP B 513 14.65 -11.11 -13.63
CA ASP B 513 14.15 -12.31 -14.29
C ASP B 513 12.61 -12.35 -14.37
N GLN B 514 11.93 -12.01 -13.28
CA GLN B 514 10.46 -11.96 -13.30
C GLN B 514 9.93 -10.70 -14.00
N THR B 515 10.76 -9.67 -14.06
CA THR B 515 10.36 -8.42 -14.72
C THR B 515 10.27 -8.62 -16.23
N GLU B 516 11.18 -9.43 -16.77
CA GLU B 516 11.09 -9.83 -18.18
C GLU B 516 9.77 -10.57 -18.42
N LEU B 517 9.41 -11.45 -17.48
CA LEU B 517 8.16 -12.22 -17.58
C LEU B 517 6.91 -11.36 -17.41
N PHE B 518 6.99 -10.39 -16.50
CA PHE B 518 5.90 -9.44 -16.30
C PHE B 518 5.64 -8.62 -17.56
N SER B 519 6.73 -8.20 -18.21
CA SER B 519 6.65 -7.45 -19.46
C SER B 519 5.84 -8.23 -20.50
N ARG B 520 6.05 -9.54 -20.56
CA ARG B 520 5.37 -10.40 -21.52
C ARG B 520 4.07 -10.98 -20.96
N GLN B 521 3.72 -10.57 -19.75
CA GLN B 521 2.52 -11.03 -19.03
C GLN B 521 2.40 -12.56 -18.96
N GLN B 522 3.50 -13.20 -18.62
CA GLN B 522 3.58 -14.65 -18.52
C GLN B 522 3.73 -15.08 -17.07
N TRP B 523 2.59 -15.31 -16.41
CA TRP B 523 2.57 -15.72 -15.02
C TRP B 523 3.07 -17.15 -14.90
N GLN B 524 3.47 -17.51 -13.70
CA GLN B 524 4.17 -18.76 -13.46
C GLN B 524 3.59 -19.47 -12.25
N THR B 525 3.84 -20.76 -12.16
CA THR B 525 3.53 -21.52 -10.96
C THR B 525 4.27 -20.96 -9.76
N LEU B 526 3.57 -20.88 -8.62
CA LEU B 526 4.20 -20.61 -7.34
C LEU B 526 4.20 -21.96 -6.62
N PRO B 527 5.34 -22.67 -6.65
CA PRO B 527 5.37 -24.06 -6.14
C PRO B 527 5.23 -24.10 -4.61
N PHE B 528 4.32 -24.91 -4.12
CA PHE B 528 3.99 -24.94 -2.69
C PHE B 528 4.19 -26.33 -2.08
N SER B 529 3.78 -27.37 -2.79
CA SER B 529 3.92 -28.73 -2.28
C SER B 529 5.36 -29.19 -2.45
N ASP B 530 5.77 -30.16 -1.65
CA ASP B 530 7.09 -30.76 -1.82
C ASP B 530 7.26 -31.35 -3.22
N ARG B 531 6.21 -31.97 -3.75
CA ARG B 531 6.22 -32.47 -5.14
C ARG B 531 6.55 -31.35 -6.15
N GLN B 532 5.85 -30.22 -6.05
CA GLN B 532 6.08 -29.07 -6.95
C GLN B 532 7.50 -28.53 -6.81
N ILE B 533 7.94 -28.33 -5.56
CA ILE B 533 9.28 -27.81 -5.26
C ILE B 533 10.35 -28.73 -5.84
N ASP B 534 10.18 -30.03 -5.61
CA ASP B 534 11.13 -31.01 -6.10
C ASP B 534 11.15 -31.17 -7.63
N ALA B 535 10.02 -30.88 -8.27
CA ALA B 535 9.95 -30.90 -9.74
C ALA B 535 10.74 -29.77 -10.41
N ASP B 536 11.07 -28.72 -9.66
CA ASP B 536 11.75 -27.54 -10.22
C ASP B 536 13.22 -27.80 -10.59
N PRO B 537 13.55 -27.75 -11.91
CA PRO B 537 14.92 -28.06 -12.30
C PRO B 537 15.96 -27.04 -11.80
N GLN B 538 15.50 -25.89 -11.31
CA GLN B 538 16.39 -24.88 -10.74
C GLN B 538 16.56 -25.04 -9.22
N LEU B 539 16.00 -26.09 -8.66
CA LEU B 539 16.00 -26.29 -7.21
C LEU B 539 17.42 -26.21 -6.64
N GLN B 540 17.61 -25.36 -5.64
CA GLN B 540 18.85 -25.34 -4.87
C GLN B 540 18.52 -25.42 -3.38
N ARG B 541 19.46 -25.95 -2.58
CA ARG B 541 19.21 -26.18 -1.15
C ARG B 541 20.43 -25.81 -0.30
N LEU B 542 20.18 -25.15 0.82
CA LEU B 542 21.22 -24.84 1.78
C LEU B 542 20.66 -25.02 3.18
N SER B 543 21.38 -25.76 4.02
CA SER B 543 21.01 -25.82 5.43
C SER B 543 22.03 -25.00 6.19
N ILE B 544 21.55 -24.18 7.13
CA ILE B 544 22.45 -23.32 7.93
C ILE B 544 22.15 -23.43 9.41
N ARG B 545 23.18 -23.24 10.24
CA ARG B 545 23.02 -23.20 11.69
C ARG B 545 24.15 -22.38 12.33
N GLU B 546 23.88 -21.89 13.53
CA GLU B 546 24.92 -21.30 14.39
C GLU B 546 24.48 -21.38 15.85
#